data_4TPK
#
_entry.id   4TPK
#
_cell.length_a   76.600
_cell.length_b   80.200
_cell.length_c   231.650
_cell.angle_alpha   90.00
_cell.angle_beta   90.00
_cell.angle_gamma   90.00
#
_symmetry.space_group_name_H-M   'P 21 21 21'
#
loop_
_entity.id
_entity.type
_entity.pdbx_description
1 polymer Cholinesterase
2 branched beta-L-fucopyranose-(1-6)-2-acetamido-2-deoxy-beta-D-glucopyranose
3 branched 2-acetamido-2-deoxy-beta-D-glucopyranose-(1-4)-2-acetamido-2-deoxy-beta-D-glucopyranose
4 branched alpha-L-fucopyranose-(1-6)-2-acetamido-2-deoxy-beta-D-glucopyranose
5 branched 2-acetamido-2-deoxy-beta-D-glucopyranose-(1-4)-[alpha-L-fucopyranose-(1-6)]2-acetamido-2-deoxy-beta-D-glucopyranose
6 non-polymer 2-acetamido-2-deoxy-beta-D-glucopyranose
7 non-polymer N-{[(3R)-1-(2,3-dihydro-1H-inden-2-yl)piperidin-3-yl]methyl}-N-(2-methoxyethyl)naphthalene-2-carboxamide
8 non-polymer GLYCEROL
9 non-polymer 1,2-ETHANEDIOL
10 water water
#
_entity_poly.entity_id   1
_entity_poly.type   'polypeptide(L)'
_entity_poly.pdbx_seq_one_letter_code
;MHSKVTIICIRFLFWFLLLCMLIGKSHTEDDIIIATKNGKVRGMNLTVFGGTVTAFLGIPYAQPPLGRLRFKKPQSLTKW
SDIWNATKYANSCCQNIDQSFPGFHGSEMWNPNTDLSEDCLYLNVWIPAPKPKNATVLIWIYGGGFQTGTSSLHVYDGKF
LARVERVIVVSMNYRVGALGFLALPGNPEAPGNMGLFDQQLALQWVQKNIAAFGGNPKSVTLFGESAGAASVSLHLLSPG
SHSLFTRAILQSGSFNAPWAVTSLYEARNRTLNLAKLTGCSRENETEIIKCLRNKDPQEILLNEAFVVPYGTPLSVNFGP
TVDGDFLTDMPDILLELGQFKKTQILVGVNKDEGTAFLVYGAPGFSKDNNSIITRKEFQEGLKIFFPGVSEFGKESILFH
YTDWVDDQRPENYREALGDVVGDYNFICPALEFTKKFSEWGNNAFFYYFEHRSSKLPWPEWMGVMHGYEIEFVFGLPLER
RDNYTKAEEILSRSIVKRWANFAKYGNPNETQNNSTSWPVFKSTEQKYLTLNTESTRIMTKLRAQQCRFWTSFFPKVLEM
TGNIDEAEWEWKAGFHRWNNYMMDWKNQFNDYTSKKESCVGL
;
_entity_poly.pdbx_strand_id   A,B
#
loop_
_chem_comp.id
_chem_comp.type
_chem_comp.name
_chem_comp.formula
3F9 non-polymer N-{[(3R)-1-(2,3-dihydro-1H-inden-2-yl)piperidin-3-yl]methyl}-N-(2-methoxyethyl)naphthalene-2-carboxamide 'C29 H34 N2 O2'
EDO non-polymer 1,2-ETHANEDIOL 'C2 H6 O2'
FUC L-saccharide, alpha linking alpha-L-fucopyranose 'C6 H12 O5'
FUL L-saccharide, beta linking beta-L-fucopyranose 'C6 H12 O5'
GOL non-polymer GLYCEROL 'C3 H8 O3'
NAG D-saccharide, beta linking 2-acetamido-2-deoxy-beta-D-glucopyranose 'C8 H15 N O6'
#
# COMPACT_ATOMS: atom_id res chain seq x y z
N ASP A 31 -23.67 34.41 -5.85
CA ASP A 31 -24.68 33.35 -5.96
C ASP A 31 -24.03 32.05 -6.40
N ILE A 32 -24.30 30.98 -5.65
CA ILE A 32 -23.73 29.67 -5.92
C ILE A 32 -24.53 28.87 -6.96
N ILE A 33 -24.12 28.93 -8.22
CA ILE A 33 -24.87 28.28 -9.28
C ILE A 33 -23.99 27.41 -10.19
N ILE A 34 -24.43 26.17 -10.39
CA ILE A 34 -23.79 25.23 -11.30
C ILE A 34 -24.77 24.79 -12.36
N ALA A 35 -24.29 24.69 -13.60
CA ALA A 35 -25.12 24.26 -14.72
C ALA A 35 -24.96 22.76 -14.98
N THR A 36 -25.98 21.98 -14.62
CA THR A 36 -25.96 20.55 -14.86
C THR A 36 -26.63 20.27 -16.20
N LYS A 37 -26.51 19.03 -16.68
CA LYS A 37 -27.09 18.64 -17.96
C LYS A 37 -28.63 18.66 -17.96
N ASN A 38 -29.23 18.76 -16.77
CA ASN A 38 -30.67 18.76 -16.68
C ASN A 38 -31.23 20.13 -16.33
N GLY A 39 -30.37 21.14 -16.37
CA GLY A 39 -30.75 22.48 -15.98
C GLY A 39 -29.80 23.02 -14.93
N LYS A 40 -30.05 24.26 -14.50
CA LYS A 40 -29.18 24.90 -13.55
C LYS A 40 -29.65 24.59 -12.12
N VAL A 41 -28.74 24.65 -11.17
CA VAL A 41 -29.06 24.33 -9.78
C VAL A 41 -28.34 25.30 -8.83
N ARG A 42 -29.03 25.69 -7.75
CA ARG A 42 -28.49 26.66 -6.79
C ARG A 42 -28.18 26.01 -5.45
N GLY A 43 -26.99 26.29 -4.91
CA GLY A 43 -26.55 25.71 -3.66
C GLY A 43 -26.39 26.68 -2.50
N MET A 44 -25.63 26.26 -1.48
CA MET A 44 -25.43 27.06 -0.28
C MET A 44 -24.03 26.87 0.28
N ASN A 45 -23.53 27.90 0.97
CA ASN A 45 -22.21 27.85 1.60
C ASN A 45 -22.30 27.41 3.05
N LEU A 46 -21.42 26.49 3.44
CA LEU A 46 -21.32 26.05 4.82
C LEU A 46 -20.01 26.52 5.42
N THR A 47 -20.03 26.85 6.71
CA THR A 47 -18.79 27.18 7.40
C THR A 47 -18.33 25.98 8.21
N VAL A 48 -17.15 25.47 7.86
CA VAL A 48 -16.59 24.28 8.48
C VAL A 48 -15.12 24.49 8.75
N PHE A 49 -14.75 24.48 10.04
CA PHE A 49 -13.36 24.60 10.48
C PHE A 49 -12.59 25.73 9.79
N GLY A 50 -13.11 26.95 9.89
CA GLY A 50 -12.41 28.13 9.37
C GLY A 50 -12.37 28.29 7.87
N GLY A 51 -12.92 27.32 7.14
CA GLY A 51 -12.99 27.40 5.68
C GLY A 51 -14.43 27.28 5.22
N THR A 52 -14.63 27.01 3.94
CA THR A 52 -15.98 26.94 3.40
C THR A 52 -16.22 25.63 2.63
N VAL A 53 -17.43 25.10 2.79
CA VAL A 53 -17.88 23.96 2.01
C VAL A 53 -19.17 24.33 1.28
N THR A 54 -19.10 24.27 -0.05
CA THR A 54 -20.26 24.46 -0.91
C THR A 54 -21.15 23.20 -0.95
N ALA A 55 -22.43 23.35 -0.61
CA ALA A 55 -23.33 22.19 -0.55
C ALA A 55 -24.54 22.29 -1.48
N PHE A 56 -24.74 21.27 -2.31
CA PHE A 56 -25.97 21.16 -3.07
C PHE A 56 -26.79 19.99 -2.52
N LEU A 57 -27.80 20.30 -1.72
CA LEU A 57 -28.64 19.27 -1.09
C LEU A 57 -29.96 19.08 -1.82
N GLY A 58 -30.28 17.85 -2.18
CA GLY A 58 -31.59 17.53 -2.73
C GLY A 58 -31.73 17.70 -4.24
N ILE A 59 -30.66 17.45 -4.97
CA ILE A 59 -30.73 17.45 -6.43
C ILE A 59 -31.43 16.20 -6.96
N PRO A 60 -32.47 16.38 -7.79
CA PRO A 60 -33.16 15.25 -8.42
C PRO A 60 -32.31 14.53 -9.45
N TYR A 61 -32.39 13.20 -9.50
CA TYR A 61 -31.63 12.45 -10.50
C TYR A 61 -32.51 11.50 -11.30
N ALA A 62 -33.80 11.47 -10.99
CA ALA A 62 -34.74 10.65 -11.72
C ALA A 62 -36.16 11.23 -11.66
N GLN A 63 -36.99 10.85 -12.63
CA GLN A 63 -38.41 11.18 -12.56
C GLN A 63 -38.96 10.50 -11.32
N PRO A 64 -39.78 11.21 -10.54
CA PRO A 64 -40.39 10.63 -9.34
C PRO A 64 -41.09 9.31 -9.64
N PRO A 65 -40.72 8.23 -8.94
CA PRO A 65 -41.32 6.91 -9.23
C PRO A 65 -42.77 6.82 -8.76
N LEU A 66 -43.61 7.67 -9.34
CA LEU A 66 -45.02 7.83 -8.95
C LEU A 66 -46.01 7.20 -9.90
N GLY A 67 -47.17 6.84 -9.37
CA GLY A 67 -48.29 6.41 -10.17
C GLY A 67 -47.98 5.15 -10.94
N ARG A 68 -47.85 5.28 -12.25
CA ARG A 68 -47.63 4.13 -13.13
C ARG A 68 -46.15 3.78 -13.18
N LEU A 69 -45.34 4.59 -12.51
CA LEU A 69 -43.90 4.36 -12.42
C LEU A 69 -43.53 3.59 -11.16
N ARG A 70 -44.51 3.32 -10.30
CA ARG A 70 -44.26 2.54 -9.10
C ARG A 70 -43.81 1.13 -9.51
N PHE A 71 -42.74 0.67 -8.86
CA PHE A 71 -42.13 -0.66 -9.05
C PHE A 71 -41.31 -0.80 -10.33
N LYS A 72 -41.19 0.28 -11.12
CA LYS A 72 -40.37 0.26 -12.34
C LYS A 72 -38.97 0.81 -12.06
N LYS A 73 -38.05 0.55 -12.97
CA LYS A 73 -36.70 1.11 -12.87
C LYS A 73 -36.78 2.63 -12.93
N PRO A 74 -35.77 3.32 -12.38
CA PRO A 74 -35.86 4.77 -12.38
C PRO A 74 -35.81 5.30 -13.81
N GLN A 75 -36.69 6.27 -14.11
CA GLN A 75 -36.72 6.85 -15.44
C GLN A 75 -35.89 8.12 -15.44
N SER A 76 -35.18 8.35 -16.53
CA SER A 76 -34.27 9.49 -16.61
C SER A 76 -35.03 10.81 -16.66
N LEU A 77 -34.37 11.84 -16.15
CA LEU A 77 -34.93 13.19 -16.13
C LEU A 77 -34.73 13.86 -17.49
N THR A 78 -35.62 14.77 -17.86
CA THR A 78 -35.39 15.51 -19.11
C THR A 78 -34.63 16.80 -18.81
N LYS A 79 -35.36 17.90 -18.72
CA LYS A 79 -34.74 19.19 -18.41
C LYS A 79 -35.75 20.15 -17.80
N TRP A 80 -35.30 20.89 -16.79
CA TRP A 80 -36.09 21.97 -16.26
C TRP A 80 -35.45 23.30 -16.64
N SER A 81 -36.27 24.26 -17.04
CA SER A 81 -35.81 25.64 -17.11
C SER A 81 -36.14 26.25 -15.78
N ASP A 82 -35.32 27.22 -15.38
CA ASP A 82 -35.31 27.93 -14.08
C ASP A 82 -34.13 27.40 -13.28
N ILE A 83 -34.11 27.72 -12.00
CA ILE A 83 -33.06 27.25 -11.13
C ILE A 83 -33.65 26.40 -10.00
N TRP A 84 -33.24 25.14 -9.95
CA TRP A 84 -33.62 24.26 -8.85
C TRP A 84 -32.84 24.68 -7.61
N ASN A 85 -33.53 24.85 -6.50
CA ASN A 85 -32.87 25.28 -5.27
C ASN A 85 -32.46 24.09 -4.39
N ALA A 86 -31.18 23.74 -4.46
CA ALA A 86 -30.65 22.62 -3.70
C ALA A 86 -30.14 23.10 -2.36
N THR A 87 -31.05 23.49 -1.48
CA THR A 87 -30.68 24.17 -0.25
C THR A 87 -31.23 23.46 0.99
N LYS A 88 -31.95 22.37 0.76
CA LYS A 88 -32.43 21.56 1.87
C LYS A 88 -32.49 20.09 1.46
N TYR A 89 -32.26 19.19 2.42
CA TYR A 89 -32.46 17.75 2.19
C TYR A 89 -33.87 17.50 1.64
N ALA A 90 -33.98 16.54 0.71
CA ALA A 90 -35.27 16.18 0.15
C ALA A 90 -36.03 15.12 0.96
N ASN A 91 -37.19 14.73 0.46
CA ASN A 91 -37.97 13.65 1.07
C ASN A 91 -37.20 12.33 1.17
N SER A 92 -37.39 11.61 2.26
CA SER A 92 -36.87 10.27 2.40
C SER A 92 -37.84 9.32 1.75
N CYS A 93 -37.34 8.20 1.26
CA CYS A 93 -38.21 7.24 0.59
C CYS A 93 -39.12 6.58 1.60
N CYS A 94 -40.27 6.12 1.15
CA CYS A 94 -41.23 5.48 2.03
C CYS A 94 -40.64 4.24 2.70
N GLN A 95 -40.92 4.12 3.99
CA GLN A 95 -40.31 3.08 4.84
C GLN A 95 -41.00 3.02 6.21
N ASN A 96 -40.96 1.86 6.85
CA ASN A 96 -41.37 1.73 8.25
C ASN A 96 -40.31 2.35 9.15
N ILE A 97 -40.75 2.84 10.31
CA ILE A 97 -39.92 3.56 11.28
C ILE A 97 -39.67 2.69 12.50
N ASP A 98 -38.50 2.84 13.12
CA ASP A 98 -38.20 2.10 14.34
C ASP A 98 -38.75 2.84 15.57
N GLN A 99 -39.71 2.22 16.25
CA GLN A 99 -40.33 2.86 17.40
C GLN A 99 -40.32 1.97 18.64
N SER A 100 -39.30 1.12 18.74
CA SER A 100 -39.18 0.20 19.87
C SER A 100 -38.82 0.97 21.14
N PHE A 101 -38.11 2.08 20.97
CA PHE A 101 -37.66 2.83 22.14
C PHE A 101 -37.85 4.34 21.94
N PRO A 102 -39.09 4.81 22.12
CA PRO A 102 -39.43 6.24 22.01
C PRO A 102 -38.54 7.11 22.90
N GLY A 103 -38.01 8.19 22.33
CA GLY A 103 -37.15 9.12 23.04
C GLY A 103 -35.69 8.71 23.08
N PHE A 104 -35.41 7.43 22.81
CA PHE A 104 -34.04 6.93 22.86
C PHE A 104 -33.25 7.32 21.60
N HIS A 105 -32.15 8.03 21.80
CA HIS A 105 -31.30 8.48 20.70
C HIS A 105 -30.71 7.30 19.93
N GLY A 106 -30.39 6.22 20.63
CA GLY A 106 -29.70 5.10 20.02
C GLY A 106 -30.40 4.54 18.80
N SER A 107 -31.73 4.46 18.86
CA SER A 107 -32.49 3.86 17.78
C SER A 107 -33.11 4.92 16.87
N GLU A 108 -33.36 6.10 17.40
CA GLU A 108 -34.05 7.13 16.65
C GLU A 108 -33.10 7.95 15.80
N MET A 109 -31.80 7.82 16.06
CA MET A 109 -30.81 8.49 15.22
C MET A 109 -30.79 7.85 13.84
N TRP A 110 -31.42 6.69 13.70
CA TRP A 110 -31.45 5.97 12.43
C TRP A 110 -32.75 6.23 11.67
N ASN A 111 -33.74 6.78 12.40
CA ASN A 111 -35.03 7.14 11.80
C ASN A 111 -34.85 8.34 10.88
N PRO A 112 -35.60 8.36 9.77
CA PRO A 112 -35.49 9.46 8.81
C PRO A 112 -35.81 10.83 9.40
N ASN A 113 -35.03 11.84 9.01
CA ASN A 113 -35.21 13.20 9.50
C ASN A 113 -35.78 14.17 8.45
N THR A 114 -36.45 13.64 7.43
CA THR A 114 -37.20 14.47 6.50
C THR A 114 -38.52 13.75 6.28
N ASP A 115 -39.48 14.40 5.62
CA ASP A 115 -40.78 13.76 5.38
C ASP A 115 -40.65 12.52 4.49
N LEU A 116 -41.58 11.57 4.64
CA LEU A 116 -41.60 10.40 3.78
C LEU A 116 -42.51 10.62 2.55
N SER A 117 -42.09 10.09 1.40
CA SER A 117 -42.83 10.24 0.14
C SER A 117 -42.23 9.35 -0.94
N GLU A 118 -43.07 8.86 -1.86
CA GLU A 118 -42.57 8.09 -3.01
C GLU A 118 -41.69 8.97 -3.90
N ASP A 119 -41.88 10.28 -3.81
CA ASP A 119 -41.08 11.24 -4.55
C ASP A 119 -39.83 11.48 -3.71
N CYS A 120 -38.80 10.67 -3.96
CA CYS A 120 -37.65 10.62 -3.06
C CYS A 120 -36.30 10.45 -3.77
N LEU A 121 -36.27 10.42 -5.09
CA LEU A 121 -35.03 10.16 -5.78
C LEU A 121 -34.24 11.43 -6.00
N TYR A 122 -33.57 11.88 -4.92
CA TYR A 122 -32.70 13.05 -4.94
C TYR A 122 -31.33 12.68 -4.41
N LEU A 123 -30.31 13.48 -4.72
CA LEU A 123 -28.97 13.26 -4.20
C LEU A 123 -28.36 14.55 -3.64
N ASN A 124 -27.26 14.41 -2.92
CA ASN A 124 -26.56 15.54 -2.30
C ASN A 124 -25.13 15.60 -2.77
N VAL A 125 -24.55 16.80 -2.76
CA VAL A 125 -23.17 17.01 -3.21
C VAL A 125 -22.45 18.04 -2.33
N TRP A 126 -21.33 17.63 -1.73
CA TRP A 126 -20.50 18.52 -0.94
C TRP A 126 -19.19 18.75 -1.66
N ILE A 127 -18.82 20.01 -1.84
CA ILE A 127 -17.61 20.35 -2.58
C ILE A 127 -16.76 21.29 -1.75
N PRO A 128 -15.45 21.03 -1.69
CA PRO A 128 -14.50 21.90 -0.97
C PRO A 128 -14.41 23.32 -1.56
N ALA A 129 -14.12 24.31 -0.71
CA ALA A 129 -13.88 25.67 -1.19
C ALA A 129 -12.47 26.12 -0.81
N PRO A 130 -11.74 26.74 -1.75
CA PRO A 130 -12.17 27.14 -3.09
C PRO A 130 -12.41 25.96 -4.03
N LYS A 131 -13.22 26.16 -5.06
CA LYS A 131 -13.58 25.10 -5.99
C LYS A 131 -12.37 24.29 -6.46
N PRO A 132 -12.49 22.96 -6.46
CA PRO A 132 -11.45 22.06 -6.95
C PRO A 132 -11.49 21.95 -8.46
N LYS A 133 -10.46 21.35 -9.05
CA LYS A 133 -10.40 21.24 -10.51
C LYS A 133 -10.54 19.79 -10.98
N ASN A 134 -10.10 18.85 -10.16
CA ASN A 134 -10.17 17.44 -10.51
C ASN A 134 -10.25 16.55 -9.27
N ALA A 135 -11.15 16.92 -8.37
CA ALA A 135 -11.26 16.23 -7.09
C ALA A 135 -11.67 14.78 -7.27
N THR A 136 -11.15 13.94 -6.38
CA THR A 136 -11.62 12.58 -6.23
C THR A 136 -13.01 12.63 -5.58
N VAL A 137 -13.90 11.74 -6.01
CA VAL A 137 -15.28 11.70 -5.55
C VAL A 137 -15.57 10.47 -4.70
N LEU A 138 -16.11 10.68 -3.51
CA LEU A 138 -16.59 9.60 -2.64
C LEU A 138 -18.10 9.51 -2.69
N ILE A 139 -18.65 8.37 -3.09
CA ILE A 139 -20.11 8.24 -3.15
C ILE A 139 -20.64 7.30 -2.08
N TRP A 140 -21.50 7.81 -1.22
CA TRP A 140 -21.99 7.06 -0.07
C TRP A 140 -23.32 6.36 -0.35
N ILE A 141 -23.38 5.07 -0.03
CA ILE A 141 -24.65 4.34 -0.07
C ILE A 141 -25.01 3.89 1.35
N TYR A 142 -26.14 4.36 1.88
CA TYR A 142 -26.52 4.03 3.24
C TYR A 142 -27.06 2.61 3.38
N GLY A 143 -27.01 2.06 4.59
CA GLY A 143 -27.62 0.77 4.88
C GLY A 143 -28.97 0.91 5.57
N GLY A 144 -29.60 -0.22 5.89
CA GLY A 144 -30.88 -0.21 6.55
C GLY A 144 -31.67 -1.48 6.25
N GLY A 145 -30.96 -2.58 6.04
CA GLY A 145 -31.60 -3.86 5.77
C GLY A 145 -32.35 -3.88 4.46
N PHE A 146 -32.05 -2.91 3.59
CA PHE A 146 -32.76 -2.68 2.33
C PHE A 146 -34.23 -2.29 2.56
N GLN A 147 -34.60 -2.05 3.81
CA GLN A 147 -35.99 -1.68 4.17
C GLN A 147 -36.10 -0.25 4.70
N THR A 148 -34.95 0.36 5.06
CA THR A 148 -34.93 1.67 5.70
C THR A 148 -33.67 2.46 5.36
N GLY A 149 -33.60 3.68 5.87
CA GLY A 149 -32.41 4.49 5.69
C GLY A 149 -32.61 5.67 4.76
N THR A 150 -31.70 6.64 4.85
CA THR A 150 -31.81 7.87 4.09
C THR A 150 -30.46 8.59 4.14
N SER A 151 -30.12 9.32 3.09
CA SER A 151 -28.81 9.95 2.99
C SER A 151 -28.67 11.23 3.81
N SER A 152 -29.78 11.67 4.41
CA SER A 152 -29.84 12.96 5.11
C SER A 152 -29.58 12.89 6.62
N LEU A 153 -29.23 11.71 7.12
CA LEU A 153 -28.92 11.56 8.54
C LEU A 153 -27.68 12.35 8.91
N HIS A 154 -27.59 12.73 10.19
CA HIS A 154 -26.50 13.55 10.69
C HIS A 154 -25.17 12.82 10.57
N VAL A 155 -25.19 11.51 10.76
CA VAL A 155 -23.97 10.71 10.73
C VAL A 155 -23.41 10.50 9.32
N TYR A 156 -24.16 10.90 8.29
CA TYR A 156 -23.68 10.80 6.90
C TYR A 156 -23.28 12.16 6.29
N ASP A 157 -23.09 13.18 7.13
CA ASP A 157 -22.76 14.53 6.65
C ASP A 157 -21.37 14.61 5.99
N GLY A 158 -21.36 14.85 4.68
CA GLY A 158 -20.14 14.86 3.90
C GLY A 158 -19.27 16.11 3.95
N LYS A 159 -19.71 17.15 4.66
CA LYS A 159 -18.98 18.42 4.71
C LYS A 159 -17.62 18.30 5.39
N PHE A 160 -17.51 17.47 6.43
CA PHE A 160 -16.23 17.31 7.12
C PHE A 160 -15.19 16.69 6.19
N LEU A 161 -15.56 15.61 5.52
CA LEU A 161 -14.67 14.95 4.56
C LEU A 161 -14.26 15.89 3.45
N ALA A 162 -15.21 16.69 2.98
CA ALA A 162 -14.92 17.65 1.91
C ALA A 162 -13.96 18.75 2.40
N ARG A 163 -14.18 19.25 3.61
CA ARG A 163 -13.35 20.29 4.19
C ARG A 163 -11.90 19.84 4.48
N VAL A 164 -11.78 18.66 5.08
CA VAL A 164 -10.51 18.19 5.63
C VAL A 164 -9.64 17.50 4.58
N GLU A 165 -10.24 16.69 3.72
CA GLU A 165 -9.46 15.88 2.77
C GLU A 165 -9.63 16.32 1.33
N ARG A 166 -10.48 17.34 1.15
CA ARG A 166 -10.68 18.00 -0.14
C ARG A 166 -11.19 17.05 -1.22
N VAL A 167 -12.09 16.17 -0.84
CA VAL A 167 -12.77 15.32 -1.80
C VAL A 167 -14.19 15.82 -2.00
N ILE A 168 -14.79 15.47 -3.13
CA ILE A 168 -16.21 15.68 -3.32
C ILE A 168 -16.97 14.51 -2.69
N VAL A 169 -18.05 14.82 -1.98
CA VAL A 169 -18.85 13.78 -1.37
C VAL A 169 -20.30 13.83 -1.91
N VAL A 170 -20.74 12.70 -2.46
CA VAL A 170 -22.09 12.55 -3.00
C VAL A 170 -22.84 11.44 -2.27
N SER A 171 -24.10 11.67 -1.94
CA SER A 171 -24.95 10.57 -1.47
C SER A 171 -26.35 10.63 -2.10
N MET A 172 -27.04 9.50 -2.20
CA MET A 172 -28.36 9.46 -2.86
C MET A 172 -29.41 8.72 -2.04
N ASN A 173 -30.67 9.11 -2.19
CA ASN A 173 -31.78 8.32 -1.69
C ASN A 173 -32.19 7.29 -2.73
N TYR A 174 -32.38 6.05 -2.29
CA TYR A 174 -32.82 5.00 -3.19
C TYR A 174 -34.01 4.27 -2.58
N ARG A 175 -34.90 3.75 -3.41
CA ARG A 175 -36.10 3.09 -2.90
C ARG A 175 -35.77 1.82 -2.11
N VAL A 176 -36.34 1.73 -0.91
CA VAL A 176 -36.17 0.57 -0.03
C VAL A 176 -37.51 -0.17 0.15
N GLY A 177 -37.49 -1.35 0.77
CA GLY A 177 -38.70 -2.13 0.98
C GLY A 177 -39.33 -2.67 -0.30
N ALA A 178 -40.62 -3.01 -0.24
CA ALA A 178 -41.32 -3.55 -1.41
C ALA A 178 -41.32 -2.57 -2.59
N LEU A 179 -41.40 -1.27 -2.28
CA LEU A 179 -41.42 -0.29 -3.36
C LEU A 179 -40.07 -0.24 -4.07
N GLY A 180 -39.02 -0.78 -3.44
CA GLY A 180 -37.70 -0.79 -4.02
C GLY A 180 -37.22 -2.14 -4.54
N PHE A 181 -37.76 -3.22 -4.01
CA PHE A 181 -37.22 -4.54 -4.33
C PHE A 181 -38.25 -5.63 -4.63
N LEU A 182 -39.53 -5.25 -4.72
CA LEU A 182 -40.57 -6.16 -5.19
C LEU A 182 -40.17 -6.77 -6.53
N ALA A 183 -40.35 -8.08 -6.67
CA ALA A 183 -39.88 -8.76 -7.87
C ALA A 183 -40.89 -9.72 -8.49
N LEU A 184 -41.22 -9.43 -9.75
CA LEU A 184 -41.74 -10.43 -10.67
C LEU A 184 -40.71 -10.53 -11.79
N PRO A 185 -39.78 -11.49 -11.67
CA PRO A 185 -38.61 -11.63 -12.56
C PRO A 185 -38.99 -11.73 -14.04
N GLY A 186 -38.46 -10.80 -14.84
CA GLY A 186 -38.65 -10.79 -16.26
C GLY A 186 -39.75 -9.84 -16.68
N ASN A 187 -40.49 -9.33 -15.69
CA ASN A 187 -41.60 -8.42 -15.92
C ASN A 187 -41.18 -6.98 -15.70
N PRO A 188 -41.12 -6.17 -16.78
CA PRO A 188 -40.61 -4.80 -16.66
C PRO A 188 -41.47 -3.93 -15.74
N GLU A 189 -42.68 -4.37 -15.45
CA GLU A 189 -43.59 -3.59 -14.59
C GLU A 189 -43.18 -3.69 -13.12
N ALA A 190 -42.50 -4.78 -12.77
CA ALA A 190 -41.96 -4.97 -11.42
C ALA A 190 -40.83 -6.02 -11.44
N PRO A 191 -39.65 -5.61 -11.93
CA PRO A 191 -38.56 -6.53 -12.30
C PRO A 191 -37.62 -6.97 -11.16
N GLY A 192 -37.53 -6.17 -10.10
CA GLY A 192 -36.65 -6.46 -8.99
C GLY A 192 -35.50 -5.50 -9.04
N ASN A 193 -34.83 -5.31 -7.90
CA ASN A 193 -33.59 -4.55 -7.82
C ASN A 193 -33.72 -3.07 -8.18
N MET A 194 -34.92 -2.52 -8.10
CA MET A 194 -35.13 -1.13 -8.49
C MET A 194 -34.24 -0.20 -7.66
N GLY A 195 -34.13 -0.47 -6.37
CA GLY A 195 -33.34 0.35 -5.47
C GLY A 195 -31.86 0.36 -5.85
N LEU A 196 -31.41 -0.75 -6.43
CA LEU A 196 -30.05 -0.88 -6.93
C LEU A 196 -29.85 -0.11 -8.22
N PHE A 197 -30.88 -0.10 -9.08
CA PHE A 197 -30.84 0.73 -10.27
C PHE A 197 -30.98 2.21 -9.91
N ASP A 198 -31.73 2.51 -8.85
CA ASP A 198 -31.79 3.86 -8.32
C ASP A 198 -30.38 4.36 -7.99
N GLN A 199 -29.65 3.58 -7.20
CA GLN A 199 -28.25 3.87 -6.91
C GLN A 199 -27.44 4.02 -8.19
N GLN A 200 -27.63 3.08 -9.12
CA GLN A 200 -26.84 3.06 -10.35
C GLN A 200 -27.08 4.31 -11.20
N LEU A 201 -28.32 4.81 -11.19
CA LEU A 201 -28.67 5.99 -11.96
C LEU A 201 -28.04 7.22 -11.34
N ALA A 202 -27.94 7.23 -10.01
CA ALA A 202 -27.24 8.30 -9.31
C ALA A 202 -25.77 8.28 -9.66
N LEU A 203 -25.21 7.09 -9.87
CA LEU A 203 -23.80 6.98 -10.28
C LEU A 203 -23.63 7.49 -11.70
N GLN A 204 -24.66 7.29 -12.52
CA GLN A 204 -24.66 7.76 -13.89
C GLN A 204 -24.71 9.28 -13.91
N TRP A 205 -25.46 9.85 -12.98
CA TRP A 205 -25.51 11.28 -12.81
C TRP A 205 -24.13 11.85 -12.50
N VAL A 206 -23.37 11.19 -11.63
CA VAL A 206 -22.03 11.67 -11.27
C VAL A 206 -21.09 11.65 -12.49
N GLN A 207 -21.13 10.57 -13.26
CA GLN A 207 -20.34 10.49 -14.50
C GLN A 207 -20.63 11.67 -15.43
N LYS A 208 -21.89 12.04 -15.54
CA LYS A 208 -22.32 13.05 -16.50
C LYS A 208 -22.22 14.49 -15.99
N ASN A 209 -22.20 14.67 -14.68
CA ASN A 209 -22.29 16.03 -14.13
C ASN A 209 -21.24 16.46 -13.11
N ILE A 210 -20.37 15.57 -12.67
CA ILE A 210 -19.56 15.93 -11.51
C ILE A 210 -18.40 16.83 -11.93
N ALA A 211 -18.02 16.77 -13.20
CA ALA A 211 -16.94 17.62 -13.71
C ALA A 211 -17.33 19.09 -13.58
N ALA A 212 -18.63 19.38 -13.76
CA ALA A 212 -19.14 20.73 -13.64
C ALA A 212 -18.97 21.27 -12.23
N PHE A 213 -18.88 20.37 -11.25
CA PHE A 213 -18.70 20.79 -9.86
C PHE A 213 -17.23 20.80 -9.45
N GLY A 214 -16.38 20.23 -10.30
CA GLY A 214 -14.96 20.15 -10.01
C GLY A 214 -14.45 18.76 -9.67
N GLY A 215 -15.28 17.75 -9.95
CA GLY A 215 -14.93 16.36 -9.66
C GLY A 215 -14.34 15.62 -10.84
N ASN A 216 -13.57 14.58 -10.53
CA ASN A 216 -13.01 13.71 -11.55
C ASN A 216 -13.84 12.43 -11.71
N PRO A 217 -14.66 12.35 -12.77
CA PRO A 217 -15.43 11.12 -13.03
C PRO A 217 -14.56 9.87 -13.19
N LYS A 218 -13.25 10.03 -13.40
CA LYS A 218 -12.36 8.88 -13.53
C LYS A 218 -11.73 8.53 -12.20
N SER A 219 -12.10 9.28 -11.15
CA SER A 219 -11.67 8.95 -9.81
C SER A 219 -12.86 8.97 -8.86
N VAL A 220 -13.64 7.89 -8.90
CA VAL A 220 -14.86 7.77 -8.12
C VAL A 220 -14.79 6.54 -7.20
N THR A 221 -15.05 6.74 -5.91
CA THR A 221 -15.05 5.63 -4.97
C THR A 221 -16.40 5.46 -4.28
N LEU A 222 -17.00 4.29 -4.43
CA LEU A 222 -18.20 3.98 -3.69
C LEU A 222 -17.83 3.52 -2.29
N PHE A 223 -18.60 3.93 -1.30
CA PHE A 223 -18.47 3.34 0.02
C PHE A 223 -19.84 3.32 0.69
N GLY A 224 -20.02 2.41 1.62
CA GLY A 224 -21.31 2.26 2.26
C GLY A 224 -21.23 1.30 3.42
N GLU A 225 -22.28 1.24 4.22
CA GLU A 225 -22.25 0.40 5.42
C GLU A 225 -23.41 -0.57 5.41
N SER A 226 -23.14 -1.82 5.78
CA SER A 226 -24.18 -2.83 5.96
C SER A 226 -24.86 -3.17 4.63
N ALA A 227 -26.15 -2.91 4.50
CA ALA A 227 -26.82 -3.14 3.21
C ALA A 227 -26.28 -2.18 2.14
N GLY A 228 -25.65 -1.09 2.59
CA GLY A 228 -24.95 -0.21 1.68
C GLY A 228 -23.68 -0.86 1.18
N ALA A 229 -23.01 -1.62 2.03
CA ALA A 229 -21.78 -2.32 1.65
C ALA A 229 -22.07 -3.54 0.78
N ALA A 230 -23.19 -4.22 1.06
CA ALA A 230 -23.64 -5.30 0.20
C ALA A 230 -23.99 -4.72 -1.18
N SER A 231 -24.56 -3.52 -1.18
CA SER A 231 -24.93 -2.86 -2.43
C SER A 231 -23.65 -2.54 -3.21
N VAL A 232 -22.66 -2.01 -2.50
CA VAL A 232 -21.36 -1.70 -3.11
C VAL A 232 -20.73 -2.96 -3.71
N SER A 233 -20.78 -4.08 -3.00
CA SER A 233 -20.18 -5.29 -3.54
C SER A 233 -20.98 -5.82 -4.75
N LEU A 234 -22.26 -5.48 -4.83
CA LEU A 234 -23.07 -5.92 -5.98
C LEU A 234 -22.77 -5.10 -7.23
N HIS A 235 -22.49 -3.81 -7.05
CA HIS A 235 -22.06 -2.99 -8.18
C HIS A 235 -20.75 -3.51 -8.78
N LEU A 236 -19.93 -4.17 -7.98
CA LEU A 236 -18.71 -4.83 -8.47
C LEU A 236 -19.04 -5.97 -9.43
N LEU A 237 -20.14 -6.69 -9.16
CA LEU A 237 -20.48 -7.84 -9.97
C LEU A 237 -21.24 -7.42 -11.20
N SER A 238 -22.00 -6.33 -11.08
CA SER A 238 -22.93 -5.93 -12.13
C SER A 238 -22.25 -5.10 -13.23
N PRO A 239 -22.18 -5.67 -14.44
CA PRO A 239 -21.55 -5.03 -15.61
C PRO A 239 -22.00 -3.58 -15.88
N GLY A 240 -23.29 -3.29 -15.72
CA GLY A 240 -23.79 -1.94 -15.94
C GLY A 240 -23.21 -0.87 -15.04
N SER A 241 -22.59 -1.28 -13.93
CA SER A 241 -22.05 -0.34 -12.96
C SER A 241 -20.56 -0.15 -13.17
N HIS A 242 -19.95 -1.13 -13.84
CA HIS A 242 -18.49 -1.18 -13.91
CA HIS A 242 -18.50 -1.23 -14.10
C HIS A 242 -17.85 0.12 -14.43
N SER A 243 -18.41 0.76 -15.45
CA SER A 243 -17.80 1.99 -15.93
C SER A 243 -18.20 3.21 -15.11
N LEU A 244 -18.90 3.01 -14.00
CA LEU A 244 -19.45 4.14 -13.24
C LEU A 244 -18.69 4.45 -11.93
N PHE A 245 -17.60 3.74 -11.66
CA PHE A 245 -16.81 4.01 -10.47
C PHE A 245 -15.43 3.38 -10.57
N THR A 246 -14.54 3.71 -9.64
CA THR A 246 -13.15 3.29 -9.74
C THR A 246 -12.82 2.23 -8.67
N ARG A 247 -13.15 2.54 -7.42
CA ARG A 247 -12.75 1.73 -6.28
C ARG A 247 -13.90 1.54 -5.31
N ALA A 248 -13.78 0.61 -4.37
CA ALA A 248 -14.92 0.31 -3.49
C ALA A 248 -14.53 0.17 -2.02
N ILE A 249 -15.38 0.68 -1.12
CA ILE A 249 -15.20 0.47 0.32
C ILE A 249 -16.43 -0.18 0.97
N LEU A 250 -16.20 -1.29 1.67
CA LEU A 250 -17.27 -2.09 2.23
C LEU A 250 -17.16 -2.15 3.75
N GLN A 251 -18.09 -1.52 4.43
CA GLN A 251 -18.11 -1.50 5.89
C GLN A 251 -19.24 -2.39 6.43
N SER A 252 -18.89 -3.42 7.20
CA SER A 252 -19.90 -4.27 7.84
C SER A 252 -20.93 -4.86 6.86
N GLY A 253 -20.51 -5.18 5.64
CA GLY A 253 -21.40 -5.89 4.74
C GLY A 253 -20.81 -6.34 3.41
N SER A 254 -21.37 -7.41 2.85
CA SER A 254 -21.01 -7.91 1.53
C SER A 254 -22.11 -8.82 1.01
N PHE A 255 -22.11 -9.13 -0.27
CA PHE A 255 -23.26 -9.80 -0.87
C PHE A 255 -23.36 -11.26 -0.42
N ASN A 256 -22.26 -11.81 0.10
CA ASN A 256 -22.26 -13.21 0.44
C ASN A 256 -22.74 -13.43 1.87
N ALA A 257 -23.13 -12.34 2.53
CA ALA A 257 -23.78 -12.42 3.84
C ALA A 257 -25.08 -13.21 3.73
N PRO A 258 -25.46 -13.93 4.78
CA PRO A 258 -26.67 -14.75 4.65
C PRO A 258 -27.96 -13.94 4.47
N TRP A 259 -27.94 -12.64 4.76
CA TRP A 259 -29.16 -11.82 4.68
C TRP A 259 -29.29 -11.02 3.40
N ALA A 260 -28.24 -10.99 2.59
CA ALA A 260 -28.14 -9.95 1.58
C ALA A 260 -28.90 -10.25 0.28
N VAL A 261 -29.03 -11.52 -0.11
CA VAL A 261 -29.62 -11.83 -1.41
C VAL A 261 -30.66 -12.96 -1.39
N THR A 262 -31.81 -12.69 -2.01
CA THR A 262 -32.88 -13.66 -2.09
C THR A 262 -32.82 -14.47 -3.39
N SER A 263 -33.07 -15.77 -3.32
CA SER A 263 -33.21 -16.56 -4.53
C SER A 263 -34.41 -16.05 -5.33
N LEU A 264 -34.32 -16.20 -6.64
CA LEU A 264 -35.34 -15.79 -7.60
C LEU A 264 -36.78 -16.15 -7.19
N TYR A 265 -36.97 -17.34 -6.68
CA TYR A 265 -38.32 -17.83 -6.44
C TYR A 265 -38.82 -17.50 -5.05
N GLU A 266 -37.90 -17.25 -4.13
CA GLU A 266 -38.29 -16.80 -2.81
C GLU A 266 -38.81 -15.37 -2.92
N ALA A 267 -38.23 -14.61 -3.84
CA ALA A 267 -38.65 -13.24 -4.13
C ALA A 267 -40.07 -13.20 -4.69
N ARG A 268 -40.34 -14.11 -5.64
CA ARG A 268 -41.64 -14.21 -6.26
C ARG A 268 -42.70 -14.66 -5.25
N ASN A 269 -42.35 -15.58 -4.37
CA ASN A 269 -43.33 -16.09 -3.41
C ASN A 269 -43.72 -15.02 -2.40
N ARG A 270 -42.84 -14.07 -2.17
CA ARG A 270 -43.12 -12.98 -1.23
C ARG A 270 -43.94 -11.88 -1.91
N THR A 271 -43.69 -11.67 -3.19
CA THR A 271 -44.50 -10.76 -3.99
C THR A 271 -45.95 -11.24 -4.03
N LEU A 272 -46.14 -12.55 -4.21
CA LEU A 272 -47.47 -13.14 -4.26
C LEU A 272 -48.14 -13.12 -2.89
N ASN A 273 -47.36 -13.34 -1.84
CA ASN A 273 -47.92 -13.30 -0.50
C ASN A 273 -48.41 -11.90 -0.16
N LEU A 274 -47.67 -10.89 -0.63
CA LEU A 274 -48.01 -9.49 -0.41
C LEU A 274 -49.29 -9.12 -1.15
N ALA A 275 -49.44 -9.68 -2.34
CA ALA A 275 -50.65 -9.49 -3.12
C ALA A 275 -51.84 -10.07 -2.34
N LYS A 276 -51.68 -11.27 -1.81
CA LYS A 276 -52.74 -11.88 -1.01
C LYS A 276 -53.11 -11.03 0.20
N LEU A 277 -52.12 -10.46 0.88
CA LEU A 277 -52.35 -9.70 2.11
C LEU A 277 -53.09 -8.37 1.88
N THR A 278 -53.09 -7.90 0.63
CA THR A 278 -53.66 -6.59 0.31
C THR A 278 -54.87 -6.73 -0.59
N GLY A 279 -55.21 -7.97 -0.92
CA GLY A 279 -56.35 -8.25 -1.76
C GLY A 279 -56.06 -7.91 -3.21
N CYS A 280 -54.84 -8.24 -3.64
CA CYS A 280 -54.42 -7.96 -5.00
C CYS A 280 -54.10 -9.24 -5.75
N SER A 281 -54.51 -10.38 -5.19
CA SER A 281 -54.32 -11.67 -5.86
C SER A 281 -55.07 -11.72 -7.19
N ARG A 282 -54.34 -12.03 -8.26
CA ARG A 282 -54.92 -12.10 -9.59
C ARG A 282 -54.31 -13.27 -10.36
N GLU A 283 -54.76 -13.45 -11.60
CA GLU A 283 -54.23 -14.51 -12.46
C GLU A 283 -53.08 -13.96 -13.31
N ASN A 284 -53.29 -12.78 -13.88
CA ASN A 284 -52.28 -12.10 -14.64
C ASN A 284 -51.33 -11.35 -13.70
N GLU A 285 -50.02 -11.44 -13.97
CA GLU A 285 -49.02 -10.73 -13.19
C GLU A 285 -49.23 -9.24 -13.25
N THR A 286 -49.43 -8.73 -14.45
CA THR A 286 -49.60 -7.31 -14.66
C THR A 286 -50.82 -6.79 -13.89
N GLU A 287 -51.84 -7.64 -13.76
CA GLU A 287 -53.02 -7.29 -13.00
C GLU A 287 -52.69 -7.21 -11.51
N ILE A 288 -51.82 -8.11 -11.04
CA ILE A 288 -51.32 -8.04 -9.67
C ILE A 288 -50.62 -6.70 -9.41
N ILE A 289 -49.76 -6.30 -10.32
CA ILE A 289 -48.97 -5.09 -10.14
C ILE A 289 -49.86 -3.85 -10.25
N LYS A 290 -50.78 -3.87 -11.21
CA LYS A 290 -51.68 -2.73 -11.42
C LYS A 290 -52.61 -2.57 -10.23
N CYS A 291 -52.91 -3.69 -9.58
CA CYS A 291 -53.65 -3.67 -8.32
C CYS A 291 -52.82 -3.06 -7.20
N LEU A 292 -51.56 -3.47 -7.08
CA LEU A 292 -50.67 -2.97 -6.02
C LEU A 292 -50.38 -1.49 -6.21
N ARG A 293 -50.41 -1.03 -7.46
CA ARG A 293 -50.23 0.38 -7.77
C ARG A 293 -51.36 1.29 -7.25
N ASN A 294 -52.51 0.72 -6.90
CA ASN A 294 -53.62 1.51 -6.39
C ASN A 294 -53.63 1.64 -4.87
N LYS A 295 -52.89 0.74 -4.20
CA LYS A 295 -52.81 0.75 -2.74
C LYS A 295 -52.02 1.94 -2.18
N ASP A 296 -52.46 2.44 -1.03
CA ASP A 296 -51.70 3.46 -0.32
C ASP A 296 -50.33 2.90 0.03
N PRO A 297 -49.29 3.75 -0.01
CA PRO A 297 -47.95 3.33 0.42
C PRO A 297 -47.99 2.64 1.79
N GLN A 298 -48.81 3.17 2.70
CA GLN A 298 -48.89 2.61 4.05
C GLN A 298 -49.58 1.25 4.09
N GLU A 299 -50.50 1.00 3.18
CA GLU A 299 -51.12 -0.33 3.12
C GLU A 299 -50.08 -1.37 2.73
N ILE A 300 -49.07 -0.94 1.99
CA ILE A 300 -47.99 -1.81 1.56
C ILE A 300 -46.95 -1.98 2.67
N LEU A 301 -46.59 -0.87 3.31
CA LEU A 301 -45.63 -0.89 4.40
C LEU A 301 -46.08 -1.83 5.54
N LEU A 302 -47.36 -1.81 5.88
CA LEU A 302 -47.87 -2.58 7.00
C LEU A 302 -47.98 -4.08 6.73
N ASN A 303 -47.80 -4.50 5.49
CA ASN A 303 -47.89 -5.91 5.14
C ASN A 303 -46.57 -6.57 4.80
N GLU A 304 -45.51 -5.77 4.79
CA GLU A 304 -44.18 -6.26 4.42
C GLU A 304 -43.63 -7.27 5.43
N ALA A 305 -43.94 -7.08 6.70
CA ALA A 305 -43.45 -7.96 7.74
C ALA A 305 -43.99 -9.38 7.59
N PHE A 306 -45.20 -9.50 7.05
CA PHE A 306 -45.91 -10.76 7.04
C PHE A 306 -45.62 -11.67 5.84
N VAL A 307 -44.80 -11.22 4.89
CA VAL A 307 -44.60 -11.98 3.65
C VAL A 307 -43.67 -13.19 3.80
N VAL A 308 -43.12 -13.37 5.00
CA VAL A 308 -42.15 -14.43 5.27
C VAL A 308 -42.62 -15.20 6.52
N PRO A 309 -42.57 -16.54 6.51
CA PRO A 309 -43.13 -17.28 7.64
C PRO A 309 -42.43 -16.96 8.94
N TYR A 310 -41.11 -17.10 8.89
CA TYR A 310 -40.25 -16.97 10.07
C TYR A 310 -40.15 -15.53 10.56
N GLY A 311 -39.01 -14.91 10.29
CA GLY A 311 -38.78 -13.56 10.74
C GLY A 311 -37.85 -13.53 11.93
N THR A 312 -36.63 -13.03 11.69
CA THR A 312 -35.64 -12.83 12.73
C THR A 312 -35.33 -11.34 12.70
N PRO A 313 -34.60 -10.82 13.69
CA PRO A 313 -34.33 -9.37 13.61
C PRO A 313 -33.46 -8.98 12.41
N LEU A 314 -32.94 -9.99 11.69
CA LEU A 314 -32.13 -9.77 10.50
C LEU A 314 -32.89 -10.12 9.24
N SER A 315 -34.21 -10.12 9.32
CA SER A 315 -35.01 -10.47 8.16
C SER A 315 -34.98 -9.33 7.16
N VAL A 316 -34.76 -9.71 5.90
CA VAL A 316 -34.85 -8.80 4.78
C VAL A 316 -36.04 -9.23 3.95
N ASN A 317 -37.18 -8.60 4.21
CA ASN A 317 -38.43 -8.96 3.55
C ASN A 317 -38.34 -8.77 2.06
N PHE A 318 -37.93 -7.59 1.64
CA PHE A 318 -37.78 -7.29 0.23
C PHE A 318 -36.42 -6.69 -0.06
N GLY A 319 -35.54 -7.50 -0.65
CA GLY A 319 -34.21 -7.04 -0.99
C GLY A 319 -33.75 -7.47 -2.37
N PRO A 320 -32.44 -7.34 -2.67
CA PRO A 320 -31.93 -7.78 -3.97
C PRO A 320 -32.17 -9.25 -4.25
N THR A 321 -32.33 -9.55 -5.52
CA THR A 321 -32.57 -10.90 -6.00
C THR A 321 -31.87 -11.06 -7.34
N VAL A 322 -31.77 -12.29 -7.83
CA VAL A 322 -31.20 -12.50 -9.16
C VAL A 322 -32.26 -12.13 -10.21
N ASP A 323 -32.20 -10.91 -10.73
CA ASP A 323 -33.25 -10.37 -11.57
C ASP A 323 -33.03 -10.63 -13.07
N GLY A 324 -31.90 -11.21 -13.42
CA GLY A 324 -31.56 -11.45 -14.80
C GLY A 324 -31.10 -10.21 -15.55
N ASP A 325 -31.00 -9.09 -14.84
CA ASP A 325 -30.63 -7.83 -15.46
C ASP A 325 -29.44 -7.21 -14.72
N PHE A 326 -29.69 -6.70 -13.51
CA PHE A 326 -28.62 -6.17 -12.67
C PHE A 326 -27.70 -7.29 -12.19
N LEU A 327 -28.30 -8.39 -11.76
CA LEU A 327 -27.60 -9.64 -11.41
C LEU A 327 -27.95 -10.74 -12.42
N THR A 328 -26.99 -11.15 -13.24
CA THR A 328 -27.31 -12.18 -14.23
C THR A 328 -27.09 -13.61 -13.71
N ASP A 329 -26.74 -13.74 -12.44
CA ASP A 329 -26.56 -15.06 -11.83
C ASP A 329 -26.50 -14.93 -10.31
N MET A 330 -26.55 -16.06 -9.60
CA MET A 330 -26.33 -15.98 -8.16
C MET A 330 -24.92 -15.45 -7.90
N PRO A 331 -24.81 -14.44 -7.03
CA PRO A 331 -23.57 -13.67 -6.86
C PRO A 331 -22.35 -14.52 -6.51
N ASP A 332 -22.55 -15.61 -5.77
CA ASP A 332 -21.47 -16.51 -5.44
C ASP A 332 -20.87 -17.18 -6.69
N ILE A 333 -21.71 -17.46 -7.68
CA ILE A 333 -21.22 -17.96 -8.96
C ILE A 333 -20.29 -16.91 -9.63
N LEU A 334 -20.78 -15.69 -9.81
CA LEU A 334 -20.01 -14.65 -10.50
C LEU A 334 -18.66 -14.39 -9.83
N LEU A 335 -18.63 -14.46 -8.50
CA LEU A 335 -17.42 -14.29 -7.73
C LEU A 335 -16.47 -15.43 -8.03
N GLU A 336 -16.94 -16.65 -7.80
CA GLU A 336 -16.13 -17.85 -8.02
C GLU A 336 -15.49 -17.84 -9.42
N LEU A 337 -16.27 -17.53 -10.45
CA LEU A 337 -15.75 -17.52 -11.80
C LEU A 337 -14.91 -16.29 -12.14
N GLY A 338 -14.75 -15.39 -11.17
CA GLY A 338 -13.95 -14.21 -11.38
C GLY A 338 -14.56 -13.20 -12.34
N GLN A 339 -15.88 -13.22 -12.43
CA GLN A 339 -16.60 -12.27 -13.28
C GLN A 339 -17.10 -11.06 -12.46
N PHE A 340 -16.18 -10.14 -12.18
CA PHE A 340 -16.51 -8.91 -11.51
C PHE A 340 -15.55 -7.84 -11.96
N LYS A 341 -15.75 -6.61 -11.49
CA LYS A 341 -14.82 -5.52 -11.76
C LYS A 341 -13.47 -5.78 -11.09
N LYS A 342 -12.39 -5.57 -11.82
CA LYS A 342 -11.06 -5.79 -11.25
C LYS A 342 -10.44 -4.46 -10.80
N THR A 343 -10.51 -4.21 -9.51
CA THR A 343 -10.05 -2.96 -8.93
C THR A 343 -9.73 -3.19 -7.45
N GLN A 344 -9.29 -2.15 -6.74
CA GLN A 344 -8.90 -2.33 -5.34
C GLN A 344 -10.10 -2.17 -4.43
N ILE A 345 -10.11 -2.92 -3.33
CA ILE A 345 -11.18 -2.82 -2.34
C ILE A 345 -10.64 -2.59 -0.91
N LEU A 346 -11.43 -1.86 -0.13
CA LEU A 346 -11.14 -1.71 1.28
C LEU A 346 -12.34 -2.29 2.03
N VAL A 347 -12.08 -3.22 2.94
CA VAL A 347 -13.14 -3.98 3.60
C VAL A 347 -12.88 -4.10 5.09
N GLY A 348 -13.92 -4.04 5.91
CA GLY A 348 -13.71 -4.26 7.32
C GLY A 348 -14.98 -4.48 8.10
N VAL A 349 -14.83 -4.71 9.41
CA VAL A 349 -15.96 -5.05 10.27
C VAL A 349 -15.74 -4.52 11.68
N ASN A 350 -16.79 -4.45 12.48
CA ASN A 350 -16.67 -3.99 13.86
C ASN A 350 -16.54 -5.16 14.83
N LYS A 351 -16.11 -4.89 16.06
CA LYS A 351 -15.87 -5.96 17.02
C LYS A 351 -17.15 -6.61 17.54
N ASP A 352 -18.23 -5.84 17.65
CA ASP A 352 -19.46 -6.36 18.22
C ASP A 352 -20.66 -6.17 17.28
N GLU A 353 -20.52 -6.66 16.05
CA GLU A 353 -21.56 -6.53 15.04
C GLU A 353 -22.90 -7.06 15.50
N GLY A 354 -22.88 -8.12 16.32
CA GLY A 354 -24.09 -8.86 16.66
C GLY A 354 -24.99 -8.30 17.74
N THR A 355 -24.43 -7.56 18.69
CA THR A 355 -25.15 -7.22 19.92
C THR A 355 -26.44 -6.43 19.68
N ALA A 356 -26.44 -5.64 18.62
CA ALA A 356 -27.54 -4.74 18.30
C ALA A 356 -28.84 -5.52 18.05
N PHE A 357 -28.70 -6.73 17.53
CA PHE A 357 -29.84 -7.50 17.08
C PHE A 357 -30.47 -8.32 18.20
N LEU A 358 -29.74 -8.43 19.31
CA LEU A 358 -30.16 -9.22 20.46
C LEU A 358 -31.24 -8.55 21.33
N VAL A 359 -31.28 -7.22 21.36
CA VAL A 359 -32.30 -6.52 22.17
C VAL A 359 -33.60 -6.31 21.39
N TYR A 360 -33.70 -6.88 20.20
CA TYR A 360 -34.91 -6.79 19.39
C TYR A 360 -35.52 -8.16 19.18
N GLY A 361 -35.65 -8.95 20.24
CA GLY A 361 -36.28 -10.25 20.10
C GLY A 361 -35.85 -11.31 21.08
N ALA A 362 -34.54 -11.46 21.27
CA ALA A 362 -34.00 -12.52 22.10
C ALA A 362 -34.39 -12.36 23.57
N PRO A 363 -34.76 -13.48 24.23
CA PRO A 363 -35.15 -13.54 25.64
C PRO A 363 -34.02 -13.21 26.60
N GLY A 364 -34.30 -12.33 27.57
CA GLY A 364 -33.37 -12.00 28.61
C GLY A 364 -32.61 -10.72 28.32
N PHE A 365 -32.68 -10.27 27.07
CA PHE A 365 -31.90 -9.12 26.65
C PHE A 365 -32.69 -7.81 26.73
N SER A 366 -32.06 -6.81 27.33
CA SER A 366 -32.59 -5.45 27.36
C SER A 366 -31.45 -4.47 27.22
N LYS A 367 -31.75 -3.28 26.72
CA LYS A 367 -30.76 -2.21 26.68
C LYS A 367 -30.61 -1.58 28.07
N ASP A 368 -31.55 -1.90 28.95
CA ASP A 368 -31.60 -1.32 30.28
C ASP A 368 -31.06 -2.29 31.35
N ASN A 369 -30.62 -3.47 30.89
CA ASN A 369 -29.94 -4.46 31.74
C ASN A 369 -28.51 -4.69 31.30
N ASN A 370 -27.77 -5.41 32.14
CA ASN A 370 -26.48 -5.96 31.76
C ASN A 370 -26.70 -7.24 30.96
N SER A 371 -27.96 -7.64 30.88
CA SER A 371 -28.41 -8.75 30.03
C SER A 371 -27.63 -10.04 30.25
N ILE A 372 -27.38 -10.38 31.50
CA ILE A 372 -26.75 -11.65 31.82
C ILE A 372 -27.77 -12.78 31.70
N ILE A 373 -27.46 -13.75 30.85
CA ILE A 373 -28.41 -14.80 30.52
C ILE A 373 -27.88 -16.19 30.85
N THR A 374 -28.78 -17.17 30.79
CA THR A 374 -28.46 -18.55 31.14
C THR A 374 -28.21 -19.37 29.89
N ARG A 375 -27.74 -20.60 30.09
CA ARG A 375 -27.57 -21.56 29.00
C ARG A 375 -28.90 -21.84 28.31
N LYS A 376 -29.98 -21.81 29.08
CA LYS A 376 -31.32 -22.03 28.53
C LYS A 376 -31.74 -20.88 27.62
N GLU A 377 -31.58 -19.66 28.12
CA GLU A 377 -31.93 -18.46 27.38
C GLU A 377 -31.07 -18.35 26.12
N PHE A 378 -29.81 -18.75 26.23
CA PHE A 378 -28.93 -18.83 25.08
C PHE A 378 -29.53 -19.74 23.99
N GLN A 379 -30.03 -20.92 24.41
CA GLN A 379 -30.62 -21.87 23.47
C GLN A 379 -31.91 -21.34 22.84
N GLU A 380 -32.62 -20.50 23.57
CA GLU A 380 -33.83 -19.85 23.06
C GLU A 380 -33.41 -18.75 22.08
N GLY A 381 -32.38 -18.00 22.46
CA GLY A 381 -31.76 -17.02 21.59
C GLY A 381 -31.41 -17.62 20.23
N LEU A 382 -30.78 -18.79 20.25
CA LEU A 382 -30.42 -19.46 18.99
C LEU A 382 -31.64 -19.82 18.19
N LYS A 383 -32.74 -20.16 18.86
CA LYS A 383 -33.97 -20.57 18.19
C LYS A 383 -34.57 -19.41 17.41
N ILE A 384 -34.49 -18.22 18.00
CA ILE A 384 -34.90 -16.98 17.36
C ILE A 384 -34.15 -16.69 16.04
N PHE A 385 -32.83 -16.89 16.05
CA PHE A 385 -32.00 -16.53 14.90
C PHE A 385 -31.79 -17.65 13.90
N PHE A 386 -32.08 -18.89 14.27
CA PHE A 386 -31.88 -20.00 13.36
C PHE A 386 -33.11 -20.90 13.28
N PRO A 387 -34.25 -20.34 12.85
CA PRO A 387 -35.55 -21.02 12.92
C PRO A 387 -35.56 -22.35 12.15
N GLY A 388 -34.87 -22.42 11.04
CA GLY A 388 -34.95 -23.58 10.17
C GLY A 388 -33.90 -24.64 10.47
N VAL A 389 -32.99 -24.36 11.39
CA VAL A 389 -31.89 -25.28 11.68
C VAL A 389 -32.32 -26.39 12.66
N SER A 390 -31.84 -27.60 12.39
CA SER A 390 -32.17 -28.78 13.21
C SER A 390 -31.79 -28.63 14.68
N GLU A 391 -32.16 -29.62 15.48
CA GLU A 391 -31.80 -29.61 16.89
C GLU A 391 -30.29 -29.87 17.10
N PHE A 392 -29.76 -30.76 16.26
N PHE A 392 -29.70 -30.77 16.34
CA PHE A 392 -28.36 -31.10 16.26
CA PHE A 392 -28.26 -30.89 16.54
C PHE A 392 -27.50 -29.89 15.88
C PHE A 392 -27.54 -29.58 16.07
N GLY A 393 -27.99 -29.11 14.92
CA GLY A 393 -27.35 -27.93 14.39
C GLY A 393 -27.18 -26.82 15.41
N LYS A 394 -28.22 -26.65 16.21
CA LYS A 394 -28.18 -25.66 17.26
C LYS A 394 -27.26 -26.11 18.42
N GLU A 395 -27.08 -27.41 18.57
CA GLU A 395 -26.15 -27.92 19.58
C GLU A 395 -24.71 -27.64 19.14
N SER A 396 -24.44 -27.92 17.86
CA SER A 396 -23.19 -27.57 17.21
C SER A 396 -22.73 -26.14 17.48
N ILE A 397 -23.60 -25.18 17.21
CA ILE A 397 -23.29 -23.79 17.43
C ILE A 397 -22.95 -23.58 18.90
N LEU A 398 -23.82 -24.07 19.76
CA LEU A 398 -23.63 -23.96 21.20
C LEU A 398 -22.28 -24.53 21.64
N PHE A 399 -21.93 -25.70 21.11
CA PHE A 399 -20.72 -26.38 21.52
C PHE A 399 -19.49 -25.57 21.12
N HIS A 400 -19.51 -25.02 19.91
CA HIS A 400 -18.36 -24.30 19.37
C HIS A 400 -18.10 -22.99 20.09
N TYR A 401 -19.13 -22.46 20.73
CA TYR A 401 -19.04 -21.12 21.31
C TYR A 401 -19.08 -21.13 22.84
N THR A 402 -18.83 -22.29 23.45
CA THR A 402 -18.89 -22.41 24.92
C THR A 402 -17.63 -22.94 25.59
N ASP A 403 -16.54 -23.11 24.84
CA ASP A 403 -15.26 -23.49 25.43
C ASP A 403 -14.67 -22.34 26.26
N TRP A 404 -15.30 -22.05 27.40
CA TRP A 404 -14.97 -20.87 28.18
C TRP A 404 -13.53 -20.86 28.67
N VAL A 405 -12.92 -19.68 28.63
CA VAL A 405 -11.65 -19.45 29.30
C VAL A 405 -11.87 -19.52 30.81
N ASP A 406 -12.89 -18.81 31.29
CA ASP A 406 -13.27 -18.85 32.70
C ASP A 406 -14.73 -19.30 32.80
N ASP A 407 -14.97 -20.39 33.54
CA ASP A 407 -16.27 -21.05 33.60
C ASP A 407 -17.38 -20.10 34.07
N GLN A 408 -17.05 -19.16 34.96
CA GLN A 408 -17.90 -18.02 35.32
C GLN A 408 -17.03 -16.91 35.92
N ARG A 409 -16.99 -15.67 35.41
CA ARG A 409 -17.64 -15.12 34.20
C ARG A 409 -19.11 -15.43 33.97
N PRO A 410 -20.00 -14.68 34.64
CA PRO A 410 -21.45 -14.81 34.45
C PRO A 410 -21.91 -14.45 33.04
N GLU A 411 -21.17 -13.58 32.38
CA GLU A 411 -21.60 -13.01 31.12
C GLU A 411 -21.09 -13.79 29.91
N ASN A 412 -20.58 -14.99 30.14
CA ASN A 412 -20.12 -15.87 29.05
C ASN A 412 -21.18 -16.08 27.96
N TYR A 413 -22.39 -16.43 28.36
CA TYR A 413 -23.43 -16.76 27.42
C TYR A 413 -23.94 -15.55 26.65
N ARG A 414 -24.07 -14.42 27.33
CA ARG A 414 -24.45 -13.17 26.69
C ARG A 414 -23.49 -12.82 25.55
N GLU A 415 -22.20 -12.91 25.82
CA GLU A 415 -21.20 -12.62 24.82
C GLU A 415 -21.15 -13.68 23.71
N ALA A 416 -21.42 -14.92 24.08
CA ALA A 416 -21.44 -15.99 23.09
C ALA A 416 -22.50 -15.71 22.02
N LEU A 417 -23.72 -15.38 22.45
CA LEU A 417 -24.81 -15.14 21.51
C LEU A 417 -24.52 -13.96 20.59
N GLY A 418 -24.06 -12.85 21.19
CA GLY A 418 -23.62 -11.71 20.42
C GLY A 418 -22.63 -12.09 19.34
N ASP A 419 -21.62 -12.89 19.68
CA ASP A 419 -20.58 -13.31 18.74
C ASP A 419 -21.08 -14.28 17.67
N VAL A 420 -22.00 -15.16 18.05
CA VAL A 420 -22.60 -16.09 17.09
C VAL A 420 -23.30 -15.31 15.99
N VAL A 421 -24.15 -14.38 16.38
CA VAL A 421 -24.91 -13.57 15.42
C VAL A 421 -23.98 -12.71 14.58
N GLY A 422 -23.00 -12.09 15.22
CA GLY A 422 -22.03 -11.27 14.50
C GLY A 422 -21.12 -12.02 13.53
N ASP A 423 -20.63 -13.18 13.92
CA ASP A 423 -19.75 -13.94 13.06
C ASP A 423 -20.47 -14.47 11.84
N TYR A 424 -21.63 -15.03 12.06
CA TYR A 424 -22.38 -15.67 10.99
C TYR A 424 -22.91 -14.66 9.98
N ASN A 425 -23.34 -13.50 10.46
CA ASN A 425 -24.00 -12.52 9.58
C ASN A 425 -23.11 -11.45 8.93
N PHE A 426 -22.00 -11.08 9.58
CA PHE A 426 -21.17 -9.99 9.10
C PHE A 426 -19.68 -10.32 8.91
N ILE A 427 -19.03 -10.79 9.98
CA ILE A 427 -17.58 -10.93 10.00
C ILE A 427 -17.07 -12.00 9.05
N CYS A 428 -17.52 -13.23 9.25
CA CYS A 428 -17.06 -14.35 8.44
C CYS A 428 -17.40 -14.19 6.96
N PRO A 429 -18.59 -13.65 6.61
CA PRO A 429 -18.78 -13.37 5.19
C PRO A 429 -17.83 -12.29 4.62
N ALA A 430 -17.64 -11.18 5.33
CA ALA A 430 -16.72 -10.14 4.87
C ALA A 430 -15.28 -10.68 4.67
N LEU A 431 -14.86 -11.59 5.55
CA LEU A 431 -13.54 -12.19 5.42
C LEU A 431 -13.48 -13.15 4.23
N GLU A 432 -14.57 -13.86 3.99
CA GLU A 432 -14.63 -14.81 2.90
C GLU A 432 -14.71 -14.15 1.53
N PHE A 433 -15.46 -13.04 1.45
CA PHE A 433 -15.53 -12.25 0.23
C PHE A 433 -14.15 -11.67 -0.13
N THR A 434 -13.44 -11.20 0.88
CA THR A 434 -12.14 -10.58 0.69
C THR A 434 -11.07 -11.57 0.24
N LYS A 435 -11.07 -12.79 0.81
CA LYS A 435 -10.23 -13.88 0.32
C LYS A 435 -10.47 -14.10 -1.16
N LYS A 436 -11.72 -14.38 -1.50
CA LYS A 436 -12.09 -14.75 -2.86
C LYS A 436 -11.82 -13.63 -3.84
N PHE A 437 -12.17 -12.42 -3.47
CA PHE A 437 -11.89 -11.28 -4.33
C PHE A 437 -10.39 -11.09 -4.55
N SER A 438 -9.62 -11.20 -3.47
CA SER A 438 -8.19 -10.95 -3.56
C SER A 438 -7.48 -11.98 -4.43
N GLU A 439 -8.03 -13.19 -4.48
CA GLU A 439 -7.42 -14.28 -5.23
C GLU A 439 -7.36 -14.03 -6.74
N TRP A 440 -8.04 -13.01 -7.24
CA TRP A 440 -8.00 -12.74 -8.68
C TRP A 440 -7.08 -11.57 -9.02
N GLY A 441 -6.22 -11.18 -8.08
CA GLY A 441 -5.08 -10.34 -8.39
C GLY A 441 -5.17 -8.84 -8.12
N ASN A 442 -6.21 -8.38 -7.42
CA ASN A 442 -6.26 -6.97 -7.04
C ASN A 442 -5.98 -6.81 -5.57
N ASN A 443 -5.49 -5.63 -5.18
CA ASN A 443 -5.12 -5.38 -3.80
C ASN A 443 -6.34 -5.17 -2.93
N ALA A 444 -6.42 -5.91 -1.83
CA ALA A 444 -7.47 -5.67 -0.84
C ALA A 444 -6.86 -5.30 0.51
N PHE A 445 -7.61 -4.54 1.29
CA PHE A 445 -7.18 -4.15 2.64
C PHE A 445 -8.29 -4.42 3.64
N PHE A 446 -7.97 -5.10 4.74
CA PHE A 446 -9.01 -5.44 5.71
C PHE A 446 -8.77 -4.76 7.04
N TYR A 447 -9.83 -4.29 7.67
CA TYR A 447 -9.71 -3.62 8.96
C TYR A 447 -10.61 -4.23 10.04
N TYR A 448 -10.17 -4.11 11.29
CA TYR A 448 -10.95 -4.52 12.44
C TYR A 448 -11.15 -3.30 13.35
N PHE A 449 -12.37 -2.78 13.40
CA PHE A 449 -12.64 -1.56 14.16
C PHE A 449 -13.03 -1.90 15.61
N GLU A 450 -12.22 -1.48 16.56
CA GLU A 450 -12.35 -1.96 17.94
C GLU A 450 -12.72 -0.88 18.95
N HIS A 451 -12.80 0.37 18.51
CA HIS A 451 -13.09 1.44 19.43
C HIS A 451 -14.57 1.70 19.64
N ARG A 452 -15.02 1.62 20.90
CA ARG A 452 -16.35 2.07 21.27
C ARG A 452 -16.41 3.59 21.46
N SER A 453 -17.41 4.22 20.85
CA SER A 453 -17.58 5.66 20.94
C SER A 453 -17.97 6.05 22.36
N SER A 454 -17.36 7.11 22.87
CA SER A 454 -17.64 7.61 24.21
C SER A 454 -19.05 8.16 24.32
N LYS A 455 -19.66 8.47 23.17
CA LYS A 455 -21.02 9.00 23.15
C LYS A 455 -22.06 7.95 22.76
N LEU A 456 -21.62 6.70 22.62
CA LEU A 456 -22.54 5.62 22.24
C LEU A 456 -23.68 5.52 23.26
N PRO A 457 -24.92 5.80 22.83
CA PRO A 457 -26.09 5.84 23.72
C PRO A 457 -26.48 4.48 24.30
N TRP A 458 -26.07 3.40 23.64
CA TRP A 458 -26.39 2.05 24.09
C TRP A 458 -25.51 1.65 25.28
N PRO A 459 -25.96 0.67 26.08
CA PRO A 459 -25.19 0.24 27.25
C PRO A 459 -23.82 -0.31 26.87
N GLU A 460 -22.94 -0.44 27.85
CA GLU A 460 -21.57 -0.85 27.60
C GLU A 460 -21.45 -2.32 27.17
N TRP A 461 -22.35 -3.17 27.64
CA TRP A 461 -22.24 -4.60 27.36
C TRP A 461 -22.40 -4.90 25.87
N MET A 462 -23.00 -3.96 25.13
CA MET A 462 -23.23 -4.12 23.70
C MET A 462 -21.97 -3.79 22.88
N GLY A 463 -20.97 -3.20 23.51
CA GLY A 463 -19.66 -2.98 22.91
C GLY A 463 -19.60 -2.10 21.66
N VAL A 464 -18.71 -2.47 20.73
CA VAL A 464 -18.49 -1.73 19.49
C VAL A 464 -19.50 -2.14 18.41
N MET A 465 -20.67 -1.48 18.45
CA MET A 465 -21.83 -1.94 17.73
C MET A 465 -21.79 -1.73 16.22
N HIS A 466 -22.59 -2.56 15.54
CA HIS A 466 -22.95 -2.37 14.14
C HIS A 466 -23.36 -0.92 13.86
N GLY A 467 -22.68 -0.29 12.91
CA GLY A 467 -23.03 1.05 12.50
C GLY A 467 -22.35 2.19 13.23
N TYR A 468 -21.49 1.90 14.21
CA TYR A 468 -20.96 2.97 15.05
C TYR A 468 -19.48 3.24 14.77
N GLU A 469 -19.07 2.90 13.55
CA GLU A 469 -17.80 3.35 13.02
C GLU A 469 -18.06 4.49 12.03
N ILE A 470 -19.31 4.60 11.59
CA ILE A 470 -19.70 5.55 10.55
C ILE A 470 -19.39 7.02 10.92
N GLU A 471 -19.77 7.42 12.13
CA GLU A 471 -19.49 8.79 12.58
C GLU A 471 -17.98 9.05 12.64
N PHE A 472 -17.18 8.01 12.78
CA PHE A 472 -15.72 8.16 12.72
C PHE A 472 -15.21 8.26 11.30
N VAL A 473 -15.93 7.65 10.36
CA VAL A 473 -15.51 7.68 8.96
C VAL A 473 -15.86 9.02 8.32
N PHE A 474 -16.95 9.62 8.78
CA PHE A 474 -17.39 10.90 8.24
C PHE A 474 -16.79 12.10 8.98
N GLY A 475 -16.00 11.84 10.02
CA GLY A 475 -15.21 12.88 10.66
C GLY A 475 -15.90 13.68 11.74
N LEU A 476 -17.07 13.23 12.17
CA LEU A 476 -17.83 13.90 13.22
C LEU A 476 -17.04 14.18 14.52
N PRO A 477 -16.06 13.32 14.87
CA PRO A 477 -15.26 13.72 16.04
C PRO A 477 -14.30 14.88 15.81
N LEU A 478 -14.08 15.27 14.55
CA LEU A 478 -13.22 16.41 14.26
C LEU A 478 -13.86 17.71 14.76
N GLU A 479 -15.17 17.70 14.95
CA GLU A 479 -15.87 18.84 15.54
C GLU A 479 -15.66 18.88 17.05
N ARG A 480 -14.81 19.81 17.50
CA ARG A 480 -14.43 19.90 18.91
C ARG A 480 -15.56 20.42 19.80
N ARG A 481 -16.59 20.99 19.18
CA ARG A 481 -17.73 21.51 19.94
C ARG A 481 -18.71 20.41 20.34
N ASP A 482 -18.32 19.15 20.11
CA ASP A 482 -19.28 18.05 20.16
C ASP A 482 -19.02 17.05 21.29
N ASN A 483 -18.05 17.36 22.15
CA ASN A 483 -17.75 16.57 23.36
C ASN A 483 -17.13 15.18 23.12
N TYR A 484 -16.40 15.01 22.03
CA TYR A 484 -15.67 13.78 21.81
C TYR A 484 -14.35 13.86 22.57
N THR A 485 -13.71 12.72 22.80
CA THR A 485 -12.41 12.73 23.45
C THR A 485 -11.34 13.18 22.45
N LYS A 486 -10.21 13.64 22.96
CA LYS A 486 -9.09 14.03 22.11
C LYS A 486 -8.58 12.80 21.35
N ALA A 487 -8.61 11.65 22.01
CA ALA A 487 -8.17 10.40 21.41
C ALA A 487 -9.07 10.08 20.23
N GLU A 488 -10.36 10.35 20.39
CA GLU A 488 -11.35 10.06 19.36
C GLU A 488 -11.20 10.97 18.16
N GLU A 489 -10.82 12.23 18.38
CA GLU A 489 -10.56 13.12 17.26
C GLU A 489 -9.33 12.66 16.48
N ILE A 490 -8.35 12.09 17.19
CA ILE A 490 -7.12 11.61 16.57
C ILE A 490 -7.44 10.40 15.70
N LEU A 491 -8.25 9.51 16.25
CA LEU A 491 -8.62 8.27 15.58
C LEU A 491 -9.42 8.59 14.32
N SER A 492 -10.42 9.46 14.48
CA SER A 492 -11.28 9.83 13.37
C SER A 492 -10.52 10.52 12.27
N ARG A 493 -9.59 11.39 12.65
CA ARG A 493 -8.78 12.13 11.70
C ARG A 493 -7.91 11.17 10.92
N SER A 494 -7.60 10.04 11.54
CA SER A 494 -6.73 9.05 10.95
C SER A 494 -7.49 8.17 9.96
N ILE A 495 -8.71 7.79 10.32
CA ILE A 495 -9.55 6.94 9.50
C ILE A 495 -9.99 7.69 8.26
N VAL A 496 -10.38 8.95 8.46
CA VAL A 496 -10.67 9.89 7.38
C VAL A 496 -9.50 10.02 6.37
N LYS A 497 -8.29 10.24 6.86
CA LYS A 497 -7.11 10.33 6.01
C LYS A 497 -6.90 9.05 5.18
N ARG A 498 -6.98 7.89 5.84
CA ARG A 498 -6.79 6.60 5.17
C ARG A 498 -7.89 6.30 4.14
N TRP A 499 -9.14 6.55 4.51
CA TRP A 499 -10.26 6.36 3.58
C TRP A 499 -10.13 7.21 2.33
N ALA A 500 -9.85 8.50 2.53
CA ALA A 500 -9.69 9.44 1.43
C ALA A 500 -8.48 9.11 0.56
N ASN A 501 -7.41 8.68 1.20
CA ASN A 501 -6.21 8.30 0.48
C ASN A 501 -6.46 7.06 -0.37
N PHE A 502 -7.24 6.10 0.15
CA PHE A 502 -7.58 4.91 -0.62
C PHE A 502 -8.31 5.29 -1.90
N ALA A 503 -9.24 6.22 -1.79
CA ALA A 503 -9.99 6.68 -2.96
C ALA A 503 -9.08 7.26 -4.03
N LYS A 504 -8.16 8.15 -3.61
CA LYS A 504 -7.20 8.79 -4.52
C LYS A 504 -6.09 7.88 -5.09
N TYR A 505 -5.53 6.99 -4.28
CA TYR A 505 -4.32 6.28 -4.71
C TYR A 505 -4.41 4.76 -4.67
N GLY A 506 -5.55 4.22 -4.24
CA GLY A 506 -5.72 2.77 -4.14
C GLY A 506 -4.94 2.20 -2.96
N ASN A 507 -4.53 3.07 -2.05
CA ASN A 507 -3.71 2.68 -0.90
C ASN A 507 -4.14 3.49 0.32
N PRO A 508 -4.58 2.82 1.38
CA PRO A 508 -5.01 3.62 2.54
C PRO A 508 -3.85 4.00 3.45
N ASN A 509 -2.83 4.65 2.90
CA ASN A 509 -1.74 5.13 3.74
C ASN A 509 -2.19 6.33 4.56
N GLU A 510 -1.46 6.65 5.62
CA GLU A 510 -1.67 7.86 6.37
C GLU A 510 -0.58 8.84 6.01
N THR A 511 0.59 8.69 6.64
CA THR A 511 1.76 9.40 6.17
C THR A 511 2.81 8.36 5.80
N GLN A 512 3.81 8.77 5.04
CA GLN A 512 4.88 7.85 4.67
C GLN A 512 5.67 7.44 5.91
N ASN A 513 5.91 8.42 6.79
CA ASN A 513 6.65 8.16 8.02
C ASN A 513 5.73 8.28 9.25
N ASN A 514 6.16 7.64 10.33
CA ASN A 514 5.45 7.66 11.61
C ASN A 514 4.02 7.13 11.55
N SER A 515 3.84 6.04 10.81
CA SER A 515 2.52 5.42 10.65
C SER A 515 2.64 3.91 10.45
N THR A 516 1.69 3.16 11.00
CA THR A 516 1.68 1.71 10.82
C THR A 516 1.36 1.36 9.37
N SER A 517 2.19 0.52 8.77
CA SER A 517 1.92 0.03 7.43
C SER A 517 0.65 -0.82 7.41
N TRP A 518 -0.32 -0.41 6.61
CA TRP A 518 -1.47 -1.23 6.32
C TRP A 518 -1.12 -2.12 5.14
N PRO A 519 -0.93 -3.43 5.40
CA PRO A 519 -0.54 -4.40 4.37
C PRO A 519 -1.73 -5.01 3.64
N VAL A 520 -1.51 -5.47 2.43
CA VAL A 520 -2.58 -6.08 1.63
C VAL A 520 -3.00 -7.42 2.21
N PHE A 521 -4.30 -7.69 2.07
CA PHE A 521 -4.90 -8.94 2.49
C PHE A 521 -4.64 -10.00 1.41
N LYS A 522 -3.81 -10.97 1.74
CA LYS A 522 -3.51 -12.07 0.83
C LYS A 522 -4.08 -13.35 1.41
N SER A 523 -4.56 -14.25 0.54
CA SER A 523 -5.31 -15.43 0.96
C SER A 523 -4.52 -16.37 1.87
N THR A 524 -3.19 -16.33 1.76
CA THR A 524 -2.34 -17.15 2.62
C THR A 524 -2.19 -16.56 4.03
N GLU A 525 -1.54 -15.41 4.16
CA GLU A 525 -1.26 -14.84 5.48
CA GLU A 525 -1.26 -14.84 5.48
C GLU A 525 -2.46 -14.14 6.10
N GLN A 526 -3.27 -13.49 5.26
CA GLN A 526 -4.53 -12.84 5.69
C GLN A 526 -4.33 -11.78 6.76
N LYS A 527 -3.44 -10.82 6.48
CA LYS A 527 -3.15 -9.74 7.41
C LYS A 527 -4.23 -8.68 7.39
N TYR A 528 -4.58 -8.17 8.57
CA TYR A 528 -5.50 -7.05 8.66
C TYR A 528 -4.96 -6.00 9.63
N LEU A 529 -5.53 -4.80 9.58
CA LEU A 529 -5.18 -3.73 10.52
C LEU A 529 -6.30 -3.44 11.51
N THR A 530 -5.97 -3.40 12.79
CA THR A 530 -6.95 -3.02 13.82
C THR A 530 -6.95 -1.52 14.06
N LEU A 531 -8.14 -0.98 14.34
CA LEU A 531 -8.35 0.45 14.47
C LEU A 531 -8.92 0.82 15.83
N ASN A 532 -8.10 1.45 16.66
CA ASN A 532 -8.52 1.95 17.97
C ASN A 532 -7.57 3.03 18.45
N THR A 533 -7.83 3.57 19.64
CA THR A 533 -7.02 4.65 20.20
C THR A 533 -5.75 4.14 20.90
N GLU A 534 -5.80 2.91 21.39
CA GLU A 534 -4.65 2.32 22.09
C GLU A 534 -3.48 2.05 21.16
N SER A 535 -3.64 1.10 20.24
CA SER A 535 -2.58 0.74 19.31
C SER A 535 -3.13 0.14 18.02
N THR A 536 -2.80 0.72 16.87
CA THR A 536 -3.17 0.10 15.60
C THR A 536 -2.10 -0.91 15.20
N ARG A 537 -2.45 -2.19 15.23
CA ARG A 537 -1.50 -3.26 14.96
C ARG A 537 -1.80 -4.04 13.68
N ILE A 538 -0.80 -4.74 13.20
CA ILE A 538 -0.98 -5.66 12.08
C ILE A 538 -1.21 -7.04 12.65
N MET A 539 -2.27 -7.71 12.20
CA MET A 539 -2.58 -9.02 12.73
C MET A 539 -3.05 -9.94 11.63
N THR A 540 -3.25 -11.22 11.95
CA THR A 540 -3.52 -12.20 10.93
C THR A 540 -4.67 -13.13 11.30
N LYS A 541 -5.30 -13.69 10.27
CA LYS A 541 -6.37 -14.69 10.38
C LYS A 541 -7.43 -14.38 11.44
N LEU A 542 -8.06 -13.22 11.29
CA LEU A 542 -9.09 -12.73 12.22
C LEU A 542 -10.19 -13.76 12.50
N ARG A 543 -10.31 -14.15 13.77
CA ARG A 543 -11.31 -15.11 14.23
C ARG A 543 -11.43 -16.34 13.34
N ALA A 544 -10.28 -16.91 12.95
CA ALA A 544 -10.25 -18.08 12.08
C ALA A 544 -10.90 -19.30 12.71
N GLN A 545 -10.72 -19.44 14.03
CA GLN A 545 -11.24 -20.60 14.73
C GLN A 545 -12.76 -20.57 14.71
N GLN A 546 -13.35 -19.40 14.90
CA GLN A 546 -14.80 -19.22 14.77
C GLN A 546 -15.32 -19.42 13.35
N CYS A 547 -14.72 -18.71 12.39
CA CYS A 547 -15.23 -18.70 11.02
C CYS A 547 -15.11 -20.05 10.35
N ARG A 548 -14.20 -20.89 10.85
CA ARG A 548 -14.01 -22.22 10.29
C ARG A 548 -15.30 -23.04 10.44
N PHE A 549 -15.96 -22.85 11.58
CA PHE A 549 -17.25 -23.47 11.83
C PHE A 549 -18.27 -23.12 10.73
N TRP A 550 -18.49 -21.83 10.50
CA TRP A 550 -19.51 -21.37 9.55
C TRP A 550 -19.16 -21.70 8.10
N THR A 551 -17.88 -21.61 7.74
CA THR A 551 -17.50 -21.90 6.37
C THR A 551 -17.50 -23.40 6.07
N SER A 552 -17.11 -24.22 7.05
CA SER A 552 -16.82 -25.64 6.78
C SER A 552 -17.66 -26.67 7.54
N PHE A 553 -18.48 -26.25 8.49
CA PHE A 553 -19.34 -27.21 9.18
C PHE A 553 -20.84 -26.85 9.11
N PHE A 554 -21.19 -25.59 9.33
CA PHE A 554 -22.60 -25.18 9.28
C PHE A 554 -23.31 -25.45 7.94
N PRO A 555 -22.65 -25.30 6.79
CA PRO A 555 -23.37 -25.66 5.57
C PRO A 555 -23.69 -27.15 5.43
N LYS A 556 -23.15 -27.98 6.32
CA LYS A 556 -23.32 -29.42 6.24
C LYS A 556 -24.31 -29.92 7.30
N VAL A 557 -24.91 -28.98 8.02
CA VAL A 557 -25.95 -29.33 8.98
C VAL A 557 -27.35 -29.11 8.40
N LEU A 558 -28.35 -29.60 8.92
N ILE B 32 21.09 32.04 -13.62
CA ILE B 32 21.92 30.85 -13.63
C ILE B 32 21.39 29.84 -14.65
N ILE B 33 21.81 29.98 -15.90
CA ILE B 33 21.28 29.16 -16.99
C ILE B 33 22.41 28.50 -17.78
N ILE B 34 22.25 27.20 -18.06
CA ILE B 34 23.19 26.46 -18.90
C ILE B 34 22.45 25.82 -20.08
N ALA B 35 23.03 25.88 -21.27
CA ALA B 35 22.42 25.30 -22.46
C ALA B 35 22.88 23.87 -22.68
N THR B 36 21.98 22.92 -22.43
CA THR B 36 22.23 21.52 -22.71
C THR B 36 21.72 21.20 -24.11
N LYS B 37 22.17 20.09 -24.67
CA LYS B 37 21.88 19.78 -26.07
C LYS B 37 20.39 19.52 -26.34
N ASN B 38 19.59 19.45 -25.29
CA ASN B 38 18.15 19.22 -25.43
C ASN B 38 17.31 20.38 -24.91
N GLY B 39 17.95 21.54 -24.76
CA GLY B 39 17.24 22.70 -24.27
C GLY B 39 17.96 23.32 -23.08
N LYS B 40 17.41 24.42 -22.58
CA LYS B 40 18.06 25.17 -21.51
C LYS B 40 17.51 24.77 -20.15
N VAL B 41 18.38 24.82 -19.13
CA VAL B 41 17.97 24.55 -17.76
C VAL B 41 18.47 25.63 -16.80
N ARG B 42 17.68 25.93 -15.77
CA ARG B 42 18.07 26.94 -14.78
C ARG B 42 18.40 26.31 -13.43
N GLY B 43 19.51 26.76 -12.84
CA GLY B 43 19.92 26.25 -11.54
C GLY B 43 19.71 27.21 -10.38
N MET B 44 20.32 26.89 -9.25
CA MET B 44 20.21 27.72 -8.07
C MET B 44 21.56 27.79 -7.38
N ASN B 45 21.74 28.81 -6.56
CA ASN B 45 22.99 28.99 -5.83
C ASN B 45 22.87 28.52 -4.40
N LEU B 46 23.80 27.66 -4.00
CA LEU B 46 23.89 27.21 -2.62
C LEU B 46 25.11 27.87 -1.99
N THR B 47 24.98 28.30 -0.74
CA THR B 47 26.14 28.84 -0.04
C THR B 47 26.64 27.80 0.96
N VAL B 48 27.87 27.37 0.75
CA VAL B 48 28.46 26.26 1.49
C VAL B 48 29.82 26.64 2.06
N PHE B 49 29.92 26.66 3.39
CA PHE B 49 31.18 26.93 4.07
C PHE B 49 31.80 28.22 3.57
N GLY B 50 31.02 29.30 3.65
CA GLY B 50 31.51 30.63 3.29
C GLY B 50 31.61 30.92 1.80
N GLY B 51 31.47 29.88 0.97
CA GLY B 51 31.54 30.02 -0.47
C GLY B 51 30.22 29.68 -1.11
N THR B 52 30.23 29.36 -2.40
CA THR B 52 29.01 29.08 -3.15
C THR B 52 29.16 27.84 -4.00
N VAL B 53 28.10 27.03 -4.05
CA VAL B 53 28.03 25.90 -4.98
C VAL B 53 26.80 26.06 -5.88
N THR B 54 27.00 25.95 -7.18
CA THR B 54 25.91 26.07 -8.14
C THR B 54 25.28 24.71 -8.34
N ALA B 55 23.98 24.59 -8.08
CA ALA B 55 23.33 23.27 -8.10
C ALA B 55 22.15 23.17 -9.07
N PHE B 56 22.15 22.10 -9.86
CA PHE B 56 21.05 21.81 -10.79
C PHE B 56 20.35 20.51 -10.42
N LEU B 57 19.24 20.60 -9.68
CA LEU B 57 18.55 19.43 -9.19
C LEU B 57 17.36 19.04 -10.06
N GLY B 58 17.31 17.79 -10.53
CA GLY B 58 16.13 17.28 -11.19
C GLY B 58 16.06 17.57 -12.68
N ILE B 59 17.19 17.42 -13.36
CA ILE B 59 17.22 17.48 -14.82
C ILE B 59 16.70 16.15 -15.40
N PRO B 60 15.73 16.22 -16.33
CA PRO B 60 15.32 14.99 -17.05
C PRO B 60 16.37 14.49 -18.02
N TYR B 61 16.60 13.18 -18.06
CA TYR B 61 17.63 12.61 -18.94
C TYR B 61 17.07 11.50 -19.84
N ALA B 62 15.78 11.21 -19.70
CA ALA B 62 15.07 10.24 -20.54
C ALA B 62 13.59 10.54 -20.54
N GLN B 63 12.88 10.03 -21.55
CA GLN B 63 11.43 10.17 -21.56
C GLN B 63 10.88 9.42 -20.37
N PRO B 64 9.80 9.95 -19.77
CA PRO B 64 9.18 9.22 -18.66
C PRO B 64 8.78 7.82 -19.12
N PRO B 65 9.15 6.78 -18.35
CA PRO B 65 8.85 5.38 -18.72
C PRO B 65 7.42 4.98 -18.40
N LEU B 66 6.45 5.63 -19.05
CA LEU B 66 5.03 5.51 -18.71
C LEU B 66 4.23 4.76 -19.75
N GLY B 67 3.10 4.20 -19.32
CA GLY B 67 2.18 3.56 -20.22
C GLY B 67 2.81 2.39 -20.93
N ARG B 68 2.98 2.51 -22.24
CA ARG B 68 3.57 1.43 -23.05
C ARG B 68 5.09 1.37 -22.92
N LEU B 69 5.68 2.33 -22.20
CA LEU B 69 7.13 2.34 -21.99
C LEU B 69 7.52 1.66 -20.68
N ARG B 70 6.53 1.33 -19.86
CA ARG B 70 6.78 0.55 -18.66
C ARG B 70 7.45 -0.78 -19.03
N PHE B 71 8.49 -1.13 -18.26
CA PHE B 71 9.32 -2.33 -18.41
C PHE B 71 10.32 -2.26 -19.58
N LYS B 72 10.32 -1.17 -20.35
CA LYS B 72 11.23 -1.04 -21.48
C LYS B 72 12.51 -0.27 -21.13
N LYS B 73 13.50 -0.34 -22.03
CA LYS B 73 14.74 0.41 -21.82
C LYS B 73 14.46 1.91 -21.94
N PRO B 74 15.27 2.75 -21.30
CA PRO B 74 14.99 4.19 -21.35
C PRO B 74 15.11 4.75 -22.76
N GLN B 75 14.11 5.51 -23.18
CA GLN B 75 14.13 6.15 -24.48
C GLN B 75 14.73 7.56 -24.39
N SER B 76 15.58 7.90 -25.35
CA SER B 76 16.24 9.19 -25.38
C SER B 76 15.26 10.36 -25.52
N LEU B 77 15.63 11.49 -24.93
CA LEU B 77 14.77 12.66 -24.86
C LEU B 77 15.01 13.57 -26.07
N THR B 78 13.94 14.21 -26.56
CA THR B 78 14.09 15.22 -27.61
C THR B 78 14.06 16.62 -27.01
N LYS B 79 14.42 17.61 -27.82
CA LYS B 79 14.56 18.99 -27.34
C LYS B 79 13.25 19.60 -26.84
N TRP B 80 13.34 20.34 -25.73
CA TRP B 80 12.26 21.22 -25.30
C TRP B 80 12.68 22.64 -25.64
N SER B 81 11.71 23.49 -25.96
CA SER B 81 12.02 24.81 -26.51
C SER B 81 12.34 25.86 -25.45
N ASP B 82 11.62 25.85 -24.33
CA ASP B 82 11.77 26.90 -23.32
C ASP B 82 12.90 26.60 -22.33
N ILE B 83 12.65 26.86 -21.05
CA ILE B 83 13.66 26.65 -20.02
C ILE B 83 13.16 25.73 -18.91
N TRP B 84 13.86 24.62 -18.72
CA TRP B 84 13.55 23.70 -17.62
C TRP B 84 14.14 24.20 -16.32
N ASN B 85 13.33 24.28 -15.28
CA ASN B 85 13.84 24.77 -14.00
C ASN B 85 14.27 23.63 -13.07
N ALA B 86 15.58 23.38 -13.04
CA ALA B 86 16.15 22.34 -12.19
C ALA B 86 16.41 22.90 -10.80
N THR B 87 15.35 23.23 -10.07
CA THR B 87 15.50 23.93 -8.81
C THR B 87 14.95 23.15 -7.63
N LYS B 88 14.51 21.93 -7.89
CA LYS B 88 14.04 21.02 -6.86
C LYS B 88 14.34 19.58 -7.24
N TYR B 89 14.64 18.76 -6.24
CA TYR B 89 14.75 17.32 -6.41
C TYR B 89 13.48 16.79 -7.05
N ALA B 90 13.63 15.89 -8.02
CA ALA B 90 12.51 15.36 -8.78
C ALA B 90 11.87 14.18 -8.09
N ASN B 91 10.83 13.62 -8.72
CA ASN B 91 10.14 12.44 -8.22
C ASN B 91 11.11 11.27 -8.02
N SER B 92 10.90 10.52 -6.95
CA SER B 92 11.65 9.29 -6.73
C SER B 92 10.91 8.15 -7.45
N CYS B 93 11.65 7.14 -7.89
CA CYS B 93 11.05 6.01 -8.60
C CYS B 93 10.18 5.21 -7.64
N CYS B 94 9.10 4.64 -8.18
CA CYS B 94 8.17 3.82 -7.40
C CYS B 94 8.91 2.75 -6.63
N GLN B 95 8.58 2.61 -5.35
CA GLN B 95 9.25 1.65 -4.50
C GLN B 95 8.48 1.43 -3.21
N ASN B 96 8.67 0.25 -2.61
CA ASN B 96 8.18 -0.05 -1.27
C ASN B 96 8.97 0.73 -0.22
N ILE B 97 8.32 1.11 0.86
CA ILE B 97 8.92 1.94 1.89
C ILE B 97 9.15 1.14 3.16
N ASP B 98 10.33 1.29 3.78
CA ASP B 98 10.59 0.62 5.05
C ASP B 98 9.81 1.33 6.15
N GLN B 99 8.82 0.63 6.70
CA GLN B 99 8.00 1.18 7.76
C GLN B 99 7.95 0.24 8.94
N SER B 100 9.05 -0.48 9.15
CA SER B 100 9.19 -1.44 10.25
C SER B 100 9.36 -0.77 11.61
N PHE B 101 9.84 0.48 11.60
CA PHE B 101 10.02 1.23 12.84
C PHE B 101 9.49 2.63 12.66
N PRO B 102 8.16 2.80 12.69
CA PRO B 102 7.53 4.12 12.55
C PRO B 102 8.11 5.12 13.53
N GLY B 103 8.57 6.26 13.02
CA GLY B 103 9.14 7.30 13.84
C GLY B 103 10.64 7.21 14.06
N PHE B 104 11.24 6.08 13.72
CA PHE B 104 12.67 5.86 13.96
C PHE B 104 13.58 6.38 12.83
N HIS B 105 14.56 7.21 13.18
CA HIS B 105 15.37 7.86 12.16
C HIS B 105 16.28 6.88 11.42
N GLY B 106 16.72 5.83 12.11
CA GLY B 106 17.68 4.88 11.55
C GLY B 106 17.20 4.13 10.32
N SER B 107 15.87 4.04 10.18
CA SER B 107 15.26 3.33 9.07
C SER B 107 14.59 4.32 8.13
N GLU B 108 14.05 5.40 8.67
CA GLU B 108 13.33 6.35 7.84
C GLU B 108 14.26 7.28 7.07
N MET B 109 15.53 7.33 7.47
CA MET B 109 16.49 8.18 6.79
C MET B 109 16.82 7.64 5.41
N TRP B 110 16.40 6.40 5.15
CA TRP B 110 16.65 5.75 3.87
C TRP B 110 15.43 5.80 2.95
N ASN B 111 14.30 6.21 3.52
CA ASN B 111 13.05 6.33 2.78
C ASN B 111 13.12 7.48 1.79
N PRO B 112 12.40 7.35 0.66
CA PRO B 112 12.36 8.46 -0.32
C PRO B 112 11.88 9.75 0.33
N ASN B 113 12.43 10.89 -0.11
CA ASN B 113 12.05 12.20 0.41
C ASN B 113 11.55 13.12 -0.69
N THR B 114 11.10 12.53 -1.79
CA THR B 114 10.24 13.22 -2.74
C THR B 114 9.11 12.28 -3.13
N ASP B 115 8.08 12.80 -3.76
CA ASP B 115 6.95 11.96 -4.18
C ASP B 115 7.35 10.79 -5.07
N LEU B 116 6.68 9.65 -4.89
CA LEU B 116 6.92 8.50 -5.75
C LEU B 116 6.15 8.64 -7.08
N SER B 117 6.75 8.16 -8.16
CA SER B 117 6.16 8.23 -9.49
C SER B 117 6.99 7.44 -10.49
N GLU B 118 6.34 6.87 -11.51
CA GLU B 118 7.06 6.21 -12.60
C GLU B 118 7.84 7.21 -13.42
N ASP B 119 7.38 8.46 -13.37
CA ASP B 119 8.06 9.60 -14.00
C ASP B 119 9.19 10.02 -13.08
N CYS B 120 10.36 9.40 -13.25
CA CYS B 120 11.39 9.54 -12.24
C CYS B 120 12.82 9.58 -12.78
N LEU B 121 12.99 9.47 -14.09
CA LEU B 121 14.33 9.47 -14.67
C LEU B 121 14.91 10.88 -14.77
N TYR B 122 15.39 11.37 -13.63
CA TYR B 122 16.01 12.67 -13.54
C TYR B 122 17.39 12.50 -12.93
N LEU B 123 18.25 13.50 -13.09
CA LEU B 123 19.54 13.48 -12.41
C LEU B 123 19.83 14.84 -11.79
N ASN B 124 20.83 14.88 -10.90
CA ASN B 124 21.27 16.12 -10.25
C ASN B 124 22.70 16.44 -10.61
N VAL B 125 23.05 17.73 -10.60
CA VAL B 125 24.42 18.16 -10.89
C VAL B 125 24.87 19.26 -9.94
N TRP B 126 26.01 19.05 -9.27
CA TRP B 126 26.59 20.05 -8.38
C TRP B 126 27.94 20.55 -8.93
N ILE B 127 28.11 21.87 -8.96
CA ILE B 127 29.26 22.48 -9.62
C ILE B 127 29.88 23.56 -8.75
N PRO B 128 31.21 23.53 -8.60
CA PRO B 128 31.90 24.54 -7.78
C PRO B 128 31.68 25.95 -8.32
N ALA B 129 31.79 26.94 -7.43
CA ALA B 129 31.76 28.34 -7.82
C ALA B 129 33.01 29.03 -7.26
N PRO B 130 33.73 29.78 -8.11
CA PRO B 130 33.40 30.07 -9.52
C PRO B 130 33.57 28.88 -10.46
N LYS B 131 32.94 28.97 -11.63
CA LYS B 131 32.89 27.90 -12.60
C LYS B 131 34.26 27.35 -12.99
N PRO B 132 34.43 26.02 -12.93
CA PRO B 132 35.65 25.36 -13.42
C PRO B 132 35.50 25.09 -14.92
N LYS B 133 36.51 24.55 -15.59
CA LYS B 133 36.32 24.20 -16.99
C LYS B 133 36.93 22.85 -17.40
N ASN B 134 37.67 22.20 -16.51
CA ASN B 134 37.99 20.81 -16.77
C ASN B 134 38.05 19.98 -15.50
N ALA B 135 37.07 20.21 -14.65
CA ALA B 135 36.92 19.47 -13.39
C ALA B 135 36.61 17.99 -13.64
N THR B 136 37.20 17.11 -12.84
CA THR B 136 36.83 15.70 -12.89
C THR B 136 35.44 15.54 -12.27
N VAL B 137 34.68 14.57 -12.78
CA VAL B 137 33.30 14.35 -12.36
C VAL B 137 33.12 13.07 -11.55
N LEU B 138 32.52 13.17 -10.37
CA LEU B 138 32.13 11.99 -9.59
C LEU B 138 30.65 11.70 -9.78
N ILE B 139 30.34 10.53 -10.33
CA ILE B 139 28.96 10.10 -10.54
C ILE B 139 28.54 9.04 -9.54
N TRP B 140 27.57 9.38 -8.70
CA TRP B 140 27.08 8.51 -7.63
C TRP B 140 25.91 7.64 -8.07
N ILE B 141 25.97 6.36 -7.74
CA ILE B 141 24.87 5.43 -7.95
C ILE B 141 24.45 4.85 -6.61
N TYR B 142 23.22 5.15 -6.19
CA TYR B 142 22.76 4.73 -4.89
C TYR B 142 22.38 3.24 -4.80
N GLY B 143 22.45 2.69 -3.60
CA GLY B 143 22.04 1.31 -3.36
C GLY B 143 20.67 1.26 -2.70
N GLY B 144 20.19 0.05 -2.43
CA GLY B 144 18.85 -0.14 -1.95
C GLY B 144 18.36 -1.51 -2.37
N GLY B 145 19.31 -2.43 -2.55
CA GLY B 145 19.00 -3.81 -2.89
C GLY B 145 18.29 -3.98 -4.22
N PHE B 146 18.43 -2.98 -5.10
CA PHE B 146 17.78 -2.88 -6.42
C PHE B 146 16.26 -2.76 -6.30
N GLN B 147 15.77 -2.69 -5.06
CA GLN B 147 14.33 -2.59 -4.81
C GLN B 147 13.92 -1.19 -4.38
N THR B 148 14.89 -0.41 -3.91
CA THR B 148 14.63 0.90 -3.33
C THR B 148 15.75 1.90 -3.62
N GLY B 149 15.60 3.10 -3.07
CA GLY B 149 16.65 4.11 -3.14
C GLY B 149 16.23 5.36 -3.89
N THR B 150 16.98 6.44 -3.71
CA THR B 150 16.77 7.66 -4.49
C THR B 150 18.00 8.54 -4.34
N SER B 151 18.25 9.40 -5.32
CA SER B 151 19.48 10.18 -5.35
C SER B 151 19.37 11.43 -4.49
N SER B 152 18.17 11.68 -3.96
CA SER B 152 17.88 12.92 -3.29
C SER B 152 17.93 12.79 -1.78
N LEU B 153 18.53 11.71 -1.28
CA LEU B 153 18.70 11.56 0.16
C LEU B 153 19.72 12.58 0.68
N HIS B 154 19.58 12.93 1.97
CA HIS B 154 20.45 13.90 2.63
C HIS B 154 21.90 13.39 2.67
N VAL B 155 22.08 12.10 2.91
CA VAL B 155 23.43 11.55 3.01
C VAL B 155 24.10 11.47 1.64
N TYR B 156 23.40 11.84 0.57
CA TYR B 156 23.99 11.86 -0.77
C TYR B 156 24.12 13.31 -1.33
N ASP B 157 24.00 14.30 -0.47
CA ASP B 157 24.09 15.71 -0.91
C ASP B 157 25.50 16.06 -1.42
N GLY B 158 25.62 16.34 -2.71
CA GLY B 158 26.91 16.52 -3.35
C GLY B 158 27.52 17.91 -3.25
N LYS B 159 26.88 18.83 -2.53
CA LYS B 159 27.36 20.21 -2.46
C LYS B 159 28.69 20.29 -1.72
N PHE B 160 28.84 19.50 -0.66
CA PHE B 160 30.06 19.52 0.13
C PHE B 160 31.27 19.08 -0.69
N LEU B 161 31.11 18.07 -1.51
CA LEU B 161 32.22 17.55 -2.32
C LEU B 161 32.71 18.55 -3.35
N ALA B 162 31.75 19.27 -3.94
CA ALA B 162 32.06 20.28 -4.95
C ALA B 162 32.76 21.48 -4.29
N ARG B 163 32.21 21.92 -3.17
CA ARG B 163 32.79 23.03 -2.42
C ARG B 163 34.24 22.78 -2.03
N VAL B 164 34.53 21.61 -1.47
CA VAL B 164 35.82 21.37 -0.82
C VAL B 164 36.91 20.85 -1.75
N GLU B 165 36.56 20.02 -2.72
CA GLU B 165 37.54 19.41 -3.60
C GLU B 165 37.40 19.89 -5.04
N ARG B 166 36.46 20.81 -5.24
CA ARG B 166 36.21 21.43 -6.54
C ARG B 166 35.99 20.40 -7.65
N VAL B 167 35.25 19.35 -7.32
CA VAL B 167 34.81 18.36 -8.31
C VAL B 167 33.37 18.65 -8.66
N ILE B 168 32.94 18.17 -9.81
CA ILE B 168 31.52 18.16 -10.15
C ILE B 168 30.92 16.84 -9.70
N VAL B 169 29.81 16.92 -8.98
CA VAL B 169 29.11 15.72 -8.51
C VAL B 169 27.78 15.51 -9.24
N VAL B 170 27.60 14.32 -9.82
CA VAL B 170 26.34 13.97 -10.47
C VAL B 170 25.70 12.73 -9.82
N SER B 171 24.37 12.74 -9.65
CA SER B 171 23.68 11.53 -9.22
C SER B 171 22.35 11.37 -9.96
N MET B 172 21.91 10.13 -10.17
CA MET B 172 20.70 9.91 -10.96
C MET B 172 19.67 9.02 -10.27
N ASN B 173 18.40 9.17 -10.65
CA ASN B 173 17.38 8.19 -10.30
C ASN B 173 17.28 7.11 -11.39
N TYR B 174 17.25 5.84 -10.98
CA TYR B 174 17.07 4.72 -11.92
C TYR B 174 15.94 3.80 -11.41
N ARG B 175 15.31 3.04 -12.30
CA ARG B 175 14.15 2.23 -11.90
C ARG B 175 14.50 1.01 -11.04
N VAL B 176 13.72 0.79 -9.98
CA VAL B 176 13.99 -0.27 -9.04
C VAL B 176 12.83 -1.25 -8.96
N GLY B 177 13.06 -2.41 -8.35
CA GLY B 177 12.03 -3.42 -8.25
C GLY B 177 11.70 -3.99 -9.61
N ALA B 178 10.51 -4.59 -9.73
CA ALA B 178 10.03 -5.18 -10.98
C ALA B 178 9.91 -4.13 -12.09
N LEU B 179 9.65 -2.88 -11.73
CA LEU B 179 9.54 -1.86 -12.75
C LEU B 179 10.90 -1.61 -13.39
N GLY B 180 11.96 -1.92 -12.67
CA GLY B 180 13.30 -1.74 -13.20
C GLY B 180 14.05 -2.99 -13.62
N PHE B 181 13.63 -4.16 -13.15
CA PHE B 181 14.42 -5.36 -13.36
C PHE B 181 13.64 -6.63 -13.67
N LEU B 182 12.33 -6.47 -13.91
CA LEU B 182 11.50 -7.56 -14.45
C LEU B 182 12.11 -8.07 -15.74
N ALA B 183 12.32 -9.38 -15.84
CA ALA B 183 13.00 -9.94 -16.99
C ALA B 183 12.23 -11.04 -17.73
N LEU B 184 12.17 -10.88 -19.06
CA LEU B 184 11.80 -11.94 -20.00
C LEU B 184 12.82 -11.91 -21.13
N PRO B 185 13.88 -12.72 -21.00
CA PRO B 185 15.07 -12.62 -21.86
C PRO B 185 14.75 -12.73 -23.36
N GLY B 186 15.19 -11.73 -24.13
CA GLY B 186 15.01 -11.73 -25.57
C GLY B 186 13.83 -10.89 -26.05
N ASN B 187 12.99 -10.47 -25.10
CA ASN B 187 11.80 -9.70 -25.40
C ASN B 187 12.01 -8.22 -25.10
N PRO B 188 12.03 -7.36 -26.13
CA PRO B 188 12.28 -5.93 -25.95
C PRO B 188 11.23 -5.23 -25.08
N GLU B 189 10.12 -5.91 -24.81
CA GLU B 189 9.06 -5.30 -24.02
C GLU B 189 9.32 -5.39 -22.52
N ALA B 190 10.16 -6.35 -22.13
CA ALA B 190 10.62 -6.49 -20.74
C ALA B 190 11.85 -7.38 -20.70
N PRO B 191 13.02 -6.81 -21.03
CA PRO B 191 14.28 -7.54 -21.20
C PRO B 191 15.10 -7.75 -19.94
N GLY B 192 14.87 -6.98 -18.88
CA GLY B 192 15.74 -7.03 -17.71
C GLY B 192 16.74 -5.89 -17.73
N ASN B 193 17.38 -5.65 -16.57
CA ASN B 193 18.43 -4.65 -16.45
C ASN B 193 18.00 -3.25 -16.89
N MET B 194 16.69 -3.01 -16.91
CA MET B 194 16.21 -1.68 -17.30
C MET B 194 16.77 -0.61 -16.35
N GLY B 195 16.92 -0.96 -15.07
CA GLY B 195 17.53 -0.07 -14.10
C GLY B 195 19.00 0.24 -14.39
N LEU B 196 19.74 -0.78 -14.82
CA LEU B 196 21.12 -0.62 -15.27
C LEU B 196 21.25 0.25 -16.53
N PHE B 197 20.30 0.12 -17.46
CA PHE B 197 20.29 0.97 -18.65
C PHE B 197 19.87 2.41 -18.32
N ASP B 198 18.97 2.59 -17.36
CA ASP B 198 18.67 3.93 -16.84
C ASP B 198 19.96 4.65 -16.41
N GLN B 199 20.75 3.98 -15.57
CA GLN B 199 22.04 4.49 -15.11
C GLN B 199 22.96 4.78 -16.29
N GLN B 200 22.95 3.88 -17.28
CA GLN B 200 23.83 4.01 -18.44
C GLN B 200 23.44 5.22 -19.29
N LEU B 201 22.15 5.49 -19.38
CA LEU B 201 21.68 6.64 -20.15
C LEU B 201 22.07 7.93 -19.43
N ALA B 202 22.13 7.89 -18.11
CA ALA B 202 22.55 9.06 -17.34
C ALA B 202 24.05 9.30 -17.53
N LEU B 203 24.82 8.22 -17.69
CA LEU B 203 26.24 8.36 -17.95
C LEU B 203 26.49 8.92 -19.33
N GLN B 204 25.65 8.52 -20.29
CA GLN B 204 25.76 9.00 -21.67
CA GLN B 204 25.79 9.01 -21.66
C GLN B 204 25.42 10.49 -21.73
N TRP B 205 24.50 10.91 -20.86
CA TRP B 205 24.16 12.32 -20.73
C TRP B 205 25.37 13.16 -20.33
N VAL B 206 26.13 12.68 -19.36
CA VAL B 206 27.30 13.40 -18.83
C VAL B 206 28.36 13.58 -19.91
N GLN B 207 28.58 12.54 -20.71
CA GLN B 207 29.50 12.61 -21.85
C GLN B 207 29.12 13.73 -22.82
N LYS B 208 27.82 13.89 -23.03
CA LYS B 208 27.33 14.84 -24.01
C LYS B 208 27.09 16.23 -23.45
N ASN B 209 27.01 16.36 -22.12
CA ASN B 209 26.58 17.63 -21.54
C ASN B 209 27.44 18.22 -20.43
N ILE B 210 28.39 17.46 -19.89
CA ILE B 210 29.09 17.94 -18.71
C ILE B 210 30.06 19.07 -19.05
N ALA B 211 30.49 19.13 -20.31
CA ALA B 211 31.44 20.15 -20.74
C ALA B 211 30.80 21.54 -20.68
N ALA B 212 29.50 21.58 -20.97
CA ALA B 212 28.72 22.80 -20.88
C ALA B 212 28.63 23.34 -19.45
N PHE B 213 28.86 22.47 -18.47
CA PHE B 213 28.79 22.86 -17.07
C PHE B 213 30.19 23.15 -16.53
N GLY B 214 31.20 22.75 -17.28
CA GLY B 214 32.59 22.95 -16.89
C GLY B 214 33.26 21.68 -16.44
N GLY B 215 32.68 20.55 -16.81
CA GLY B 215 33.24 19.25 -16.44
C GLY B 215 34.06 18.62 -17.53
N ASN B 216 34.85 17.61 -17.15
CA ASN B 216 35.68 16.87 -18.11
C ASN B 216 35.14 15.46 -18.38
N PRO B 217 34.53 15.25 -19.55
CA PRO B 217 33.94 13.94 -19.88
C PRO B 217 34.97 12.82 -19.94
N LYS B 218 36.24 13.16 -20.03
CA LYS B 218 37.30 12.16 -20.11
C LYS B 218 37.95 11.94 -18.76
N SER B 219 37.33 12.51 -17.72
CA SER B 219 37.75 12.23 -16.35
C SER B 219 36.50 12.03 -15.48
N VAL B 220 35.95 10.83 -15.55
CA VAL B 220 34.74 10.51 -14.81
C VAL B 220 34.94 9.28 -13.94
N THR B 221 34.52 9.36 -12.68
CA THR B 221 34.65 8.25 -11.75
C THR B 221 33.29 7.84 -11.19
N LEU B 222 32.92 6.58 -11.40
CA LEU B 222 31.69 6.04 -10.81
C LEU B 222 31.93 5.64 -9.37
N PHE B 223 31.00 6.00 -8.49
CA PHE B 223 31.05 5.48 -7.14
C PHE B 223 29.65 5.22 -6.60
N GLY B 224 29.54 4.20 -5.76
CA GLY B 224 28.26 3.73 -5.26
C GLY B 224 28.44 2.83 -4.06
N GLU B 225 27.34 2.55 -3.38
CA GLU B 225 27.35 1.71 -2.20
C GLU B 225 26.32 0.59 -2.33
N SER B 226 26.71 -0.61 -1.87
CA SER B 226 25.81 -1.76 -1.80
C SER B 226 25.34 -2.18 -3.21
N ALA B 227 24.05 -2.01 -3.53
CA ALA B 227 23.61 -2.35 -4.89
C ALA B 227 24.18 -1.35 -5.88
N GLY B 228 24.41 -0.13 -5.42
CA GLY B 228 25.06 0.87 -6.23
C GLY B 228 26.48 0.47 -6.57
N ALA B 229 27.19 -0.11 -5.60
CA ALA B 229 28.54 -0.60 -5.82
C ALA B 229 28.53 -1.80 -6.77
N ALA B 230 27.57 -2.70 -6.61
CA ALA B 230 27.45 -3.84 -7.52
C ALA B 230 27.12 -3.33 -8.91
N SER B 231 26.33 -2.25 -8.96
CA SER B 231 25.96 -1.67 -10.25
C SER B 231 27.22 -1.18 -10.92
N VAL B 232 28.02 -0.42 -10.19
CA VAL B 232 29.28 0.13 -10.68
C VAL B 232 30.21 -0.95 -11.26
N SER B 233 30.39 -2.05 -10.53
CA SER B 233 31.20 -3.15 -11.02
C SER B 233 30.60 -3.82 -12.28
N LEU B 234 29.29 -3.75 -12.47
CA LEU B 234 28.68 -4.28 -13.69
C LEU B 234 28.92 -3.35 -14.87
N HIS B 235 29.14 -2.06 -14.60
CA HIS B 235 29.55 -1.16 -15.66
C HIS B 235 30.96 -1.48 -16.15
N LEU B 236 31.82 -2.00 -15.26
CA LEU B 236 33.13 -2.48 -15.68
C LEU B 236 33.01 -3.59 -16.71
N LEU B 237 32.03 -4.49 -16.53
CA LEU B 237 31.90 -5.64 -17.40
C LEU B 237 31.15 -5.37 -18.69
N SER B 238 30.24 -4.39 -18.66
CA SER B 238 29.41 -4.15 -19.84
C SER B 238 30.09 -3.26 -20.87
N PRO B 239 30.29 -3.79 -22.08
CA PRO B 239 30.94 -3.06 -23.18
C PRO B 239 30.31 -1.71 -23.50
N GLY B 240 28.97 -1.64 -23.45
CA GLY B 240 28.27 -0.40 -23.78
C GLY B 240 28.64 0.76 -22.86
N SER B 241 29.13 0.42 -21.67
CA SER B 241 29.44 1.42 -20.64
C SER B 241 30.92 1.76 -20.62
N HIS B 242 31.72 0.94 -21.29
CA HIS B 242 33.19 1.05 -21.35
C HIS B 242 33.70 2.49 -21.53
N SER B 243 33.13 3.21 -22.49
CA SER B 243 33.64 4.54 -22.83
C SER B 243 32.94 5.68 -22.10
N LEU B 244 32.09 5.36 -21.13
CA LEU B 244 31.25 6.38 -20.47
C LEU B 244 31.81 6.86 -19.13
N PHE B 245 32.93 6.28 -18.70
CA PHE B 245 33.60 6.67 -17.45
C PHE B 245 35.08 6.27 -17.45
N THR B 246 35.82 6.75 -16.46
CA THR B 246 37.25 6.48 -16.36
C THR B 246 37.60 5.44 -15.29
N ARG B 247 37.23 5.73 -14.05
CA ARG B 247 37.56 4.90 -12.90
C ARG B 247 36.34 4.52 -12.05
N ALA B 248 36.54 3.63 -11.09
CA ALA B 248 35.43 3.06 -10.34
C ALA B 248 35.71 2.95 -8.84
N ILE B 249 34.72 3.29 -8.03
CA ILE B 249 34.78 3.13 -6.58
C ILE B 249 33.64 2.23 -6.09
N LEU B 250 33.98 1.20 -5.32
CA LEU B 250 32.99 0.24 -4.87
C LEU B 250 32.93 0.17 -3.35
N GLN B 251 31.89 0.75 -2.77
CA GLN B 251 31.67 0.71 -1.33
C GLN B 251 30.70 -0.42 -0.92
N SER B 252 31.18 -1.37 -0.11
CA SER B 252 30.32 -2.43 0.43
C SER B 252 29.45 -3.18 -0.59
N GLY B 253 29.99 -3.53 -1.75
CA GLY B 253 29.26 -4.34 -2.71
C GLY B 253 30.04 -4.65 -3.99
N SER B 254 29.75 -5.80 -4.58
CA SER B 254 30.26 -6.13 -5.91
C SER B 254 29.37 -7.20 -6.55
N PHE B 255 29.44 -7.32 -7.87
CA PHE B 255 28.53 -8.18 -8.62
C PHE B 255 28.64 -9.67 -8.27
N ASN B 256 29.75 -10.06 -7.65
CA ASN B 256 29.92 -11.47 -7.32
C ASN B 256 29.39 -11.81 -5.93
N ALA B 257 28.73 -10.85 -5.29
CA ALA B 257 28.08 -11.09 -4.02
C ALA B 257 26.91 -12.01 -4.30
N PRO B 258 26.56 -12.90 -3.35
CA PRO B 258 25.51 -13.88 -3.65
C PRO B 258 24.12 -13.25 -3.90
N TRP B 259 23.90 -12.03 -3.42
CA TRP B 259 22.62 -11.35 -3.61
C TRP B 259 22.55 -10.53 -4.89
N ALA B 260 23.66 -10.42 -5.62
CA ALA B 260 23.78 -9.40 -6.66
C ALA B 260 23.15 -9.77 -8.00
N VAL B 261 23.14 -11.05 -8.35
CA VAL B 261 22.70 -11.45 -9.68
C VAL B 261 21.73 -12.61 -9.67
N THR B 262 20.62 -12.44 -10.38
CA THR B 262 19.60 -13.46 -10.51
C THR B 262 19.84 -14.30 -11.76
N SER B 263 19.76 -15.61 -11.60
CA SER B 263 19.84 -16.52 -12.74
C SER B 263 18.64 -16.34 -13.66
N LEU B 264 18.82 -16.67 -14.94
CA LEU B 264 17.71 -16.68 -15.91
C LEU B 264 16.55 -17.53 -15.44
N TYR B 265 16.87 -18.65 -14.80
CA TYR B 265 15.87 -19.55 -14.29
C TYR B 265 15.11 -18.94 -13.11
N GLU B 266 15.83 -18.36 -12.16
CA GLU B 266 15.20 -17.65 -11.05
C GLU B 266 14.34 -16.49 -11.56
N ALA B 267 14.87 -15.76 -12.55
CA ALA B 267 14.19 -14.58 -13.08
C ALA B 267 12.89 -14.93 -13.78
N ARG B 268 12.88 -16.04 -14.51
CA ARG B 268 11.69 -16.45 -15.23
C ARG B 268 10.62 -16.89 -14.25
N ASN B 269 11.05 -17.63 -13.22
CA ASN B 269 10.14 -18.15 -12.21
C ASN B 269 9.46 -17.04 -11.43
N ARG B 270 10.19 -15.93 -11.25
CA ARG B 270 9.67 -14.81 -10.48
C ARG B 270 8.72 -13.95 -11.31
N THR B 271 9.05 -13.73 -12.58
CA THR B 271 8.14 -13.02 -13.48
C THR B 271 6.79 -13.75 -13.62
N LEU B 272 6.83 -15.08 -13.69
CA LEU B 272 5.58 -15.84 -13.79
C LEU B 272 4.82 -15.82 -12.48
N ASN B 273 5.54 -15.83 -11.36
CA ASN B 273 4.91 -15.72 -10.05
C ASN B 273 4.21 -14.39 -9.86
N LEU B 274 4.86 -13.31 -10.31
CA LEU B 274 4.28 -11.97 -10.22
C LEU B 274 3.03 -11.86 -11.07
N ALA B 275 3.07 -12.47 -12.25
CA ALA B 275 1.93 -12.49 -13.16
C ALA B 275 0.73 -13.18 -12.51
N LYS B 276 0.98 -14.33 -11.87
CA LYS B 276 -0.07 -15.05 -11.16
C LYS B 276 -0.65 -14.26 -9.97
N LEU B 277 0.22 -13.62 -9.20
CA LEU B 277 -0.23 -12.82 -8.07
C LEU B 277 -1.08 -11.60 -8.48
N THR B 278 -0.88 -11.12 -9.70
CA THR B 278 -1.59 -9.92 -10.16
C THR B 278 -2.74 -10.22 -11.12
N GLY B 279 -3.01 -11.51 -11.34
CA GLY B 279 -4.04 -11.92 -12.29
C GLY B 279 -3.64 -11.68 -13.73
N CYS B 280 -2.34 -11.80 -14.01
CA CYS B 280 -1.81 -11.51 -15.35
C CYS B 280 -1.19 -12.74 -16.01
N SER B 281 -1.52 -13.92 -15.51
CA SER B 281 -1.13 -15.16 -16.18
C SER B 281 -1.73 -15.21 -17.59
N ARG B 282 -0.87 -15.36 -18.58
CA ARG B 282 -1.31 -15.56 -19.96
C ARG B 282 -0.47 -16.67 -20.59
N GLU B 283 -0.62 -16.86 -21.90
CA GLU B 283 0.13 -17.90 -22.60
C GLU B 283 1.33 -17.29 -23.33
N ASN B 284 1.12 -16.17 -24.00
CA ASN B 284 2.22 -15.41 -24.60
C ASN B 284 2.95 -14.60 -23.55
N GLU B 285 4.28 -14.46 -23.72
CA GLU B 285 5.04 -13.50 -22.94
C GLU B 285 4.44 -12.13 -23.16
N THR B 286 4.12 -11.84 -24.41
CA THR B 286 3.64 -10.54 -24.85
C THR B 286 2.36 -10.13 -24.13
N GLU B 287 1.42 -11.05 -24.00
CA GLU B 287 0.14 -10.75 -23.36
C GLU B 287 0.31 -10.52 -21.86
N ILE B 288 1.23 -11.25 -21.23
CA ILE B 288 1.55 -11.03 -19.82
C ILE B 288 2.03 -9.60 -19.58
N ILE B 289 2.89 -9.11 -20.47
CA ILE B 289 3.41 -7.75 -20.37
C ILE B 289 2.35 -6.70 -20.64
N LYS B 290 1.43 -7.01 -21.57
CA LYS B 290 0.30 -6.14 -21.85
C LYS B 290 -0.53 -5.97 -20.59
N CYS B 291 -0.76 -7.07 -19.89
CA CYS B 291 -1.58 -7.08 -18.68
C CYS B 291 -0.87 -6.41 -17.49
N LEU B 292 0.43 -6.64 -17.34
CA LEU B 292 1.19 -6.01 -16.26
C LEU B 292 1.28 -4.48 -16.45
N ARG B 293 1.23 -4.02 -17.70
CA ARG B 293 1.21 -2.59 -17.98
C ARG B 293 -0.13 -1.92 -17.66
N ASN B 294 -1.14 -2.72 -17.37
CA ASN B 294 -2.45 -2.17 -17.00
C ASN B 294 -2.66 -2.13 -15.49
N LYS B 295 -1.80 -2.82 -14.74
CA LYS B 295 -1.89 -2.85 -13.29
C LYS B 295 -1.44 -1.51 -12.68
N ASP B 296 -2.07 -1.11 -11.59
CA ASP B 296 -1.60 0.03 -10.81
C ASP B 296 -0.21 -0.29 -10.29
N PRO B 297 0.69 0.71 -10.29
CA PRO B 297 2.05 0.53 -9.77
C PRO B 297 2.04 -0.12 -8.38
N GLN B 298 1.05 0.21 -7.55
CA GLN B 298 0.99 -0.34 -6.21
C GLN B 298 0.64 -1.83 -6.22
N GLU B 299 -0.06 -2.28 -7.26
CA GLU B 299 -0.41 -3.68 -7.35
C GLU B 299 0.78 -4.50 -7.81
N ILE B 300 1.75 -3.81 -8.39
CA ILE B 300 2.99 -4.45 -8.74
C ILE B 300 3.91 -4.41 -7.52
N LEU B 301 4.05 -3.21 -6.94
CA LEU B 301 4.86 -3.01 -5.74
C LEU B 301 4.48 -3.96 -4.61
N LEU B 302 3.19 -4.06 -4.33
CA LEU B 302 2.77 -4.77 -3.14
C LEU B 302 2.76 -6.29 -3.32
N ASN B 303 3.16 -6.77 -4.49
CA ASN B 303 3.26 -8.21 -4.72
C ASN B 303 4.70 -8.69 -4.89
N GLU B 304 5.64 -7.76 -5.04
CA GLU B 304 7.03 -8.11 -5.26
C GLU B 304 7.60 -9.03 -4.18
N ALA B 305 7.12 -8.89 -2.95
CA ALA B 305 7.62 -9.69 -1.82
C ALA B 305 7.32 -11.18 -1.91
N PHE B 306 6.23 -11.52 -2.60
CA PHE B 306 5.75 -12.91 -2.62
C PHE B 306 6.24 -13.75 -3.80
N VAL B 307 7.10 -13.20 -4.65
CA VAL B 307 7.48 -13.93 -5.85
C VAL B 307 8.52 -15.02 -5.56
N VAL B 308 9.06 -15.01 -4.36
CA VAL B 308 9.96 -16.08 -3.92
C VAL B 308 9.51 -16.61 -2.55
N PRO B 309 9.41 -17.95 -2.40
CA PRO B 309 9.03 -18.57 -1.13
C PRO B 309 10.09 -18.44 -0.02
N TYR B 310 11.36 -18.59 -0.36
CA TYR B 310 12.44 -18.63 0.63
C TYR B 310 13.04 -17.26 0.94
N GLY B 311 12.21 -16.29 1.33
CA GLY B 311 12.68 -14.93 1.52
C GLY B 311 13.53 -14.66 2.75
N THR B 312 14.69 -14.03 2.55
CA THR B 312 15.55 -13.61 3.66
C THR B 312 15.58 -12.07 3.70
N PRO B 313 16.15 -11.48 4.77
CA PRO B 313 16.30 -10.01 4.77
C PRO B 313 17.23 -9.49 3.67
N LEU B 314 17.98 -10.38 3.03
CA LEU B 314 18.87 -9.99 1.94
C LEU B 314 18.31 -10.38 0.57
N SER B 315 17.01 -10.66 0.52
CA SER B 315 16.38 -11.06 -0.73
C SER B 315 16.35 -9.91 -1.74
N VAL B 316 16.80 -10.20 -2.94
CA VAL B 316 16.68 -9.30 -4.08
C VAL B 316 15.69 -9.90 -5.06
N ASN B 317 14.41 -9.54 -4.93
CA ASN B 317 13.33 -10.14 -5.73
C ASN B 317 13.53 -9.95 -7.22
N PHE B 318 13.88 -8.72 -7.60
CA PHE B 318 14.13 -8.38 -8.99
C PHE B 318 15.40 -7.58 -9.13
N GLY B 319 16.47 -8.22 -9.60
CA GLY B 319 17.69 -7.50 -9.85
C GLY B 319 18.31 -7.84 -11.19
N PRO B 320 19.61 -7.55 -11.35
CA PRO B 320 20.31 -7.81 -12.61
C PRO B 320 20.27 -9.26 -13.05
N THR B 321 20.16 -9.47 -14.35
CA THR B 321 20.22 -10.82 -14.91
C THR B 321 21.15 -10.82 -16.10
N VAL B 322 21.41 -12.02 -16.61
CA VAL B 322 22.18 -12.18 -17.84
C VAL B 322 21.22 -11.96 -19.00
N ASP B 323 21.17 -10.73 -19.50
CA ASP B 323 20.09 -10.33 -20.41
C ASP B 323 20.45 -10.51 -21.88
N GLY B 324 21.74 -10.69 -22.16
CA GLY B 324 22.22 -10.79 -23.52
C GLY B 324 22.44 -9.45 -24.18
N ASP B 325 22.41 -8.38 -23.38
CA ASP B 325 22.51 -7.02 -23.91
C ASP B 325 23.44 -6.21 -23.02
N PHE B 326 22.99 -5.89 -21.81
CA PHE B 326 23.85 -5.19 -20.86
C PHE B 326 24.94 -6.16 -20.42
N LEU B 327 24.53 -7.40 -20.18
CA LEU B 327 25.43 -8.49 -19.80
C LEU B 327 25.38 -9.60 -20.85
N THR B 328 26.41 -9.72 -21.67
CA THR B 328 26.39 -10.72 -22.74
C THR B 328 26.70 -12.10 -22.19
N ASP B 329 27.12 -12.18 -20.93
CA ASP B 329 27.38 -13.47 -20.29
C ASP B 329 27.30 -13.41 -18.76
N MET B 330 27.59 -14.53 -18.10
CA MET B 330 27.60 -14.56 -16.65
C MET B 330 28.83 -13.82 -16.16
N PRO B 331 28.65 -12.87 -15.22
CA PRO B 331 29.71 -11.97 -14.74
C PRO B 331 30.99 -12.67 -14.26
N ASP B 332 30.84 -13.82 -13.60
CA ASP B 332 31.99 -14.56 -13.09
C ASP B 332 32.93 -15.01 -14.21
N ILE B 333 32.34 -15.49 -15.29
CA ILE B 333 33.08 -15.89 -16.46
C ILE B 333 33.82 -14.68 -17.06
N LEU B 334 33.08 -13.62 -17.37
CA LEU B 334 33.66 -12.37 -17.87
C LEU B 334 34.83 -11.88 -17.01
N LEU B 335 34.69 -12.02 -15.70
CA LEU B 335 35.74 -11.60 -14.79
C LEU B 335 36.96 -12.49 -14.94
N GLU B 336 36.76 -13.81 -14.92
CA GLU B 336 37.87 -14.76 -15.00
C GLU B 336 38.63 -14.64 -16.32
N LEU B 337 37.88 -14.51 -17.42
CA LEU B 337 38.47 -14.42 -18.75
C LEU B 337 39.07 -13.03 -19.04
N GLY B 338 38.82 -12.07 -18.16
CA GLY B 338 39.36 -10.73 -18.31
C GLY B 338 38.73 -9.88 -19.41
N GLN B 339 37.46 -10.13 -19.70
CA GLN B 339 36.75 -9.34 -20.69
C GLN B 339 36.03 -8.16 -20.04
N PHE B 340 36.78 -7.14 -19.68
CA PHE B 340 36.19 -5.96 -19.04
C PHE B 340 37.06 -4.72 -19.20
N LYS B 341 36.53 -3.58 -18.76
CA LYS B 341 37.26 -2.33 -18.78
C LYS B 341 38.47 -2.41 -17.87
N LYS B 342 39.64 -2.09 -18.41
CA LYS B 342 40.89 -2.08 -17.65
C LYS B 342 41.14 -0.68 -17.10
N THR B 343 41.10 -0.54 -15.79
CA THR B 343 41.28 0.76 -15.15
C THR B 343 41.59 0.63 -13.66
N GLN B 344 41.74 1.75 -12.98
CA GLN B 344 42.01 1.73 -11.54
C GLN B 344 40.70 1.62 -10.77
N ILE B 345 40.71 0.89 -9.66
CA ILE B 345 39.53 0.77 -8.83
C ILE B 345 39.84 0.96 -7.35
N LEU B 346 38.87 1.51 -6.62
CA LEU B 346 38.95 1.65 -5.18
C LEU B 346 37.80 0.87 -4.56
N VAL B 347 38.12 -0.12 -3.73
CA VAL B 347 37.13 -1.04 -3.18
C VAL B 347 37.28 -1.11 -1.66
N GLY B 348 36.18 -1.30 -0.93
CA GLY B 348 36.27 -1.43 0.51
C GLY B 348 34.98 -1.79 1.22
N VAL B 349 35.07 -2.05 2.52
CA VAL B 349 33.95 -2.57 3.28
C VAL B 349 33.94 -2.01 4.69
N ASN B 350 32.81 -2.13 5.38
CA ASN B 350 32.72 -1.71 6.78
C ASN B 350 32.95 -2.90 7.70
N LYS B 351 33.14 -2.63 9.00
CA LYS B 351 33.50 -3.68 9.95
C LYS B 351 32.32 -4.59 10.29
N ASP B 352 31.13 -4.02 10.32
CA ASP B 352 29.95 -4.78 10.70
C ASP B 352 28.84 -4.68 9.66
N GLU B 353 29.17 -5.10 8.43
CA GLU B 353 28.22 -5.10 7.32
C GLU B 353 26.95 -5.88 7.64
N GLY B 354 27.09 -6.90 8.48
CA GLY B 354 26.03 -7.87 8.70
C GLY B 354 24.89 -7.50 9.64
N THR B 355 25.16 -6.64 10.61
CA THR B 355 24.21 -6.45 11.72
C THR B 355 22.88 -5.83 11.32
N ALA B 356 22.92 -4.99 10.30
CA ALA B 356 21.72 -4.26 9.84
C ALA B 356 20.58 -5.20 9.51
N PHE B 357 20.93 -6.39 9.04
CA PHE B 357 19.96 -7.34 8.51
C PHE B 357 19.43 -8.25 9.61
N LEU B 358 20.15 -8.34 10.72
CA LEU B 358 19.76 -9.23 11.83
C LEU B 358 18.52 -8.76 12.57
N VAL B 359 18.18 -7.48 12.51
CA VAL B 359 17.05 -6.99 13.29
C VAL B 359 15.76 -7.00 12.47
N TYR B 360 15.86 -7.55 11.26
CA TYR B 360 14.73 -7.67 10.33
C TYR B 360 14.35 -9.13 10.09
N GLY B 361 14.26 -9.93 11.16
CA GLY B 361 13.89 -11.32 10.96
C GLY B 361 14.51 -12.35 11.88
N ALA B 362 15.79 -12.20 12.21
CA ALA B 362 16.46 -13.17 13.07
C ALA B 362 15.81 -13.14 14.46
N PRO B 363 15.61 -14.32 15.06
CA PRO B 363 14.99 -14.42 16.39
C PRO B 363 15.95 -14.01 17.50
N GLY B 364 15.47 -13.18 18.43
CA GLY B 364 16.27 -12.75 19.56
C GLY B 364 16.93 -11.38 19.40
N PHE B 365 16.92 -10.87 18.17
CA PHE B 365 17.57 -9.60 17.87
C PHE B 365 16.58 -8.45 17.86
N SER B 366 16.99 -7.33 18.43
CA SER B 366 16.19 -6.12 18.47
C SER B 366 17.06 -4.88 18.51
N LYS B 367 16.54 -3.76 18.03
CA LYS B 367 17.22 -2.49 18.13
C LYS B 367 17.02 -1.90 19.52
N ASP B 368 16.05 -2.44 20.25
CA ASP B 368 15.70 -1.92 21.56
C ASP B 368 16.25 -2.71 22.76
N ASN B 369 17.06 -3.73 22.50
CA ASN B 369 17.76 -4.43 23.58
C ASN B 369 19.13 -4.90 23.10
N ASN B 370 19.89 -5.54 23.97
CA ASN B 370 21.28 -5.91 23.68
C ASN B 370 21.43 -7.16 22.79
N SER B 371 20.30 -7.79 22.51
CA SER B 371 20.20 -8.87 21.53
C SER B 371 21.17 -10.03 21.79
N ILE B 372 21.28 -10.43 23.05
CA ILE B 372 22.12 -11.57 23.41
C ILE B 372 21.39 -12.87 23.14
N ILE B 373 22.04 -13.74 22.37
CA ILE B 373 21.39 -14.95 21.90
C ILE B 373 22.17 -16.22 22.24
N THR B 374 21.47 -17.35 22.18
CA THR B 374 22.06 -18.64 22.53
C THR B 374 22.49 -19.42 21.29
N ARG B 375 23.21 -20.51 21.53
CA ARG B 375 23.62 -21.40 20.44
C ARG B 375 22.41 -21.84 19.63
N LYS B 376 21.30 -22.05 20.34
CA LYS B 376 20.05 -22.45 19.72
C LYS B 376 19.51 -21.34 18.83
N GLU B 377 19.44 -20.12 19.38
CA GLU B 377 18.97 -18.96 18.64
C GLU B 377 19.88 -18.67 17.43
N PHE B 378 21.18 -18.87 17.61
CA PHE B 378 22.14 -18.80 16.52
C PHE B 378 21.80 -19.79 15.39
N GLN B 379 21.43 -21.00 15.76
CA GLN B 379 21.08 -22.02 14.78
C GLN B 379 19.80 -21.67 14.04
N GLU B 380 18.90 -20.97 14.73
CA GLU B 380 17.68 -20.48 14.10
C GLU B 380 17.96 -19.32 13.14
N GLY B 381 18.92 -18.47 13.49
CA GLY B 381 19.35 -17.40 12.61
C GLY B 381 19.98 -17.92 11.34
N LEU B 382 20.79 -18.96 11.45
CA LEU B 382 21.36 -19.58 10.26
C LEU B 382 20.29 -20.16 9.35
N LYS B 383 19.17 -20.61 9.92
CA LYS B 383 18.10 -21.19 9.12
C LYS B 383 17.41 -20.12 8.29
N ILE B 384 17.26 -18.94 8.87
CA ILE B 384 16.64 -17.80 8.22
C ILE B 384 17.47 -17.20 7.08
N PHE B 385 18.79 -17.20 7.24
CA PHE B 385 19.69 -16.65 6.23
C PHE B 385 20.18 -17.70 5.24
N PHE B 386 20.04 -18.97 5.61
CA PHE B 386 20.42 -20.07 4.72
C PHE B 386 19.33 -21.15 4.66
N PRO B 387 18.18 -20.80 4.05
CA PRO B 387 17.02 -21.71 3.98
C PRO B 387 17.26 -23.03 3.22
N GLY B 388 18.08 -22.99 2.19
CA GLY B 388 18.26 -24.16 1.34
C GLY B 388 19.44 -25.05 1.69
N VAL B 389 20.21 -24.65 2.69
CA VAL B 389 21.45 -25.35 3.04
C VAL B 389 21.17 -26.56 3.94
N SER B 390 21.90 -27.65 3.71
CA SER B 390 21.77 -28.87 4.51
C SER B 390 22.07 -28.63 5.98
N GLU B 391 21.71 -29.58 6.83
CA GLU B 391 21.89 -29.46 8.27
C GLU B 391 23.36 -29.43 8.57
N PHE B 392 24.08 -30.31 7.83
N PHE B 392 24.02 -30.07 7.70
CA PHE B 392 25.56 -30.52 7.91
CA PHE B 392 25.28 -30.39 8.08
C PHE B 392 26.30 -29.26 7.53
C PHE B 392 26.25 -29.31 7.52
N GLY B 393 25.80 -28.65 6.46
CA GLY B 393 26.40 -27.43 5.99
C GLY B 393 26.22 -26.28 6.98
N LYS B 394 25.08 -26.23 7.66
CA LYS B 394 24.87 -25.21 8.67
C LYS B 394 25.71 -25.48 9.91
N GLU B 395 26.01 -26.75 10.14
CA GLU B 395 26.87 -27.13 11.26
C GLU B 395 28.27 -26.62 10.98
N SER B 396 28.68 -26.70 9.72
CA SER B 396 30.03 -26.32 9.34
C SER B 396 30.23 -24.83 9.52
N ILE B 397 29.25 -24.04 9.10
CA ILE B 397 29.26 -22.61 9.35
C ILE B 397 29.42 -22.32 10.84
N LEU B 398 28.56 -22.95 11.64
CA LEU B 398 28.59 -22.79 13.09
C LEU B 398 30.00 -23.09 13.62
N PHE B 399 30.55 -24.23 13.24
CA PHE B 399 31.86 -24.65 13.73
C PHE B 399 32.98 -23.67 13.38
N HIS B 400 32.97 -23.13 12.17
CA HIS B 400 34.04 -22.22 11.77
C HIS B 400 33.98 -20.91 12.55
N TYR B 401 32.80 -20.58 13.06
CA TYR B 401 32.57 -19.29 13.68
C TYR B 401 32.38 -19.36 15.20
N THR B 402 32.83 -20.45 15.83
CA THR B 402 32.64 -20.60 17.27
C THR B 402 33.91 -20.96 18.03
N ASP B 403 35.07 -20.82 17.39
CA ASP B 403 36.35 -20.99 18.09
C ASP B 403 36.68 -19.73 18.91
N TRP B 404 35.94 -19.53 20.00
CA TRP B 404 35.99 -18.30 20.79
C TRP B 404 37.37 -17.97 21.34
N VAL B 405 37.76 -16.70 21.21
CA VAL B 405 38.96 -16.19 21.85
C VAL B 405 38.77 -16.13 23.37
N ASP B 406 37.61 -15.62 23.78
CA ASP B 406 37.20 -15.63 25.19
C ASP B 406 35.85 -16.32 25.33
N ASP B 407 35.87 -17.57 25.79
CA ASP B 407 34.69 -18.43 25.80
C ASP B 407 33.62 -18.03 26.83
N GLN B 408 33.86 -16.94 27.55
CA GLN B 408 32.94 -16.46 28.57
C GLN B 408 31.92 -15.46 28.01
N ARG B 409 32.37 -14.63 27.07
CA ARG B 409 31.57 -13.56 26.46
C ARG B 409 30.17 -14.01 26.04
N PRO B 410 29.14 -13.51 26.74
CA PRO B 410 27.75 -13.81 26.38
C PRO B 410 27.35 -13.23 25.01
N GLU B 411 28.13 -12.26 24.53
CA GLU B 411 27.88 -11.63 23.24
C GLU B 411 28.52 -12.41 22.10
N ASN B 412 29.11 -13.57 22.39
CA ASN B 412 29.81 -14.35 21.38
C ASN B 412 28.97 -14.76 20.16
N TYR B 413 27.77 -15.28 20.40
CA TYR B 413 26.94 -15.79 19.31
C TYR B 413 26.32 -14.65 18.51
N ARG B 414 25.94 -13.58 19.20
CA ARG B 414 25.43 -12.39 18.54
C ARG B 414 26.47 -11.84 17.56
N GLU B 415 27.73 -11.83 17.96
CA GLU B 415 28.78 -11.32 17.09
C GLU B 415 29.07 -12.30 15.96
N ALA B 416 28.98 -13.59 16.27
CA ALA B 416 29.26 -14.63 15.27
C ALA B 416 28.31 -14.54 14.08
N LEU B 417 27.02 -14.36 14.36
CA LEU B 417 26.02 -14.36 13.30
C LEU B 417 26.15 -13.11 12.42
N GLY B 418 26.37 -11.97 13.07
CA GLY B 418 26.63 -10.73 12.37
C GLY B 418 27.84 -10.87 11.47
N ASP B 419 28.83 -11.64 11.90
CA ASP B 419 30.03 -11.83 11.10
C ASP B 419 29.77 -12.80 9.96
N VAL B 420 28.92 -13.79 10.20
CA VAL B 420 28.57 -14.75 9.17
C VAL B 420 27.92 -14.01 8.00
N VAL B 421 26.88 -13.24 8.34
CA VAL B 421 26.13 -12.52 7.33
C VAL B 421 27.01 -11.48 6.64
N GLY B 422 27.76 -10.71 7.42
CA GLY B 422 28.72 -9.77 6.88
C GLY B 422 29.78 -10.36 5.98
N ASP B 423 30.41 -11.46 6.39
CA ASP B 423 31.49 -12.07 5.61
C ASP B 423 31.04 -12.72 4.32
N TYR B 424 29.94 -13.45 4.40
CA TYR B 424 29.41 -14.18 3.25
C TYR B 424 28.78 -13.24 2.23
N ASN B 425 28.14 -12.19 2.70
CA ASN B 425 27.39 -11.31 1.80
C ASN B 425 28.17 -10.14 1.23
N PHE B 426 29.12 -9.59 1.98
CA PHE B 426 29.79 -8.37 1.56
C PHE B 426 31.31 -8.47 1.56
N ILE B 427 31.92 -8.74 2.72
CA ILE B 427 33.36 -8.72 2.84
C ILE B 427 34.09 -9.71 1.91
N CYS B 428 33.91 -11.01 2.13
CA CYS B 428 34.63 -12.00 1.32
C CYS B 428 34.43 -11.84 -0.19
N PRO B 429 33.20 -11.52 -0.66
CA PRO B 429 33.10 -11.31 -2.11
C PRO B 429 33.86 -10.07 -2.60
N ALA B 430 33.94 -9.02 -1.81
CA ALA B 430 34.70 -7.83 -2.22
C ALA B 430 36.23 -8.11 -2.28
N LEU B 431 36.75 -8.85 -1.32
CA LEU B 431 38.16 -9.23 -1.35
C LEU B 431 38.45 -10.05 -2.59
N GLU B 432 37.54 -10.97 -2.89
CA GLU B 432 37.68 -11.85 -4.04
C GLU B 432 37.63 -11.06 -5.34
N PHE B 433 36.68 -10.12 -5.45
CA PHE B 433 36.61 -9.27 -6.63
C PHE B 433 37.91 -8.49 -6.85
N THR B 434 38.48 -7.93 -5.79
CA THR B 434 39.70 -7.11 -5.88
C THR B 434 40.92 -7.95 -6.28
N LYS B 435 41.11 -9.10 -5.63
CA LYS B 435 42.14 -10.06 -6.02
C LYS B 435 42.07 -10.34 -7.52
N LYS B 436 40.89 -10.74 -7.97
CA LYS B 436 40.72 -11.15 -9.35
C LYS B 436 40.88 -9.99 -10.32
N PHE B 437 40.35 -8.83 -9.96
CA PHE B 437 40.45 -7.65 -10.81
C PHE B 437 41.89 -7.15 -10.90
N SER B 438 42.61 -7.17 -9.78
CA SER B 438 44.01 -6.73 -9.75
C SER B 438 44.93 -7.52 -10.68
N GLU B 439 44.69 -8.82 -10.83
CA GLU B 439 45.64 -9.68 -11.54
C GLU B 439 45.75 -9.38 -13.03
N TRP B 440 44.93 -8.47 -13.53
CA TRP B 440 45.02 -8.10 -14.95
C TRP B 440 45.81 -6.80 -15.09
N GLY B 441 46.70 -6.58 -14.12
CA GLY B 441 47.59 -5.45 -14.17
C GLY B 441 46.87 -4.13 -14.01
N ASN B 442 45.91 -4.11 -13.09
CA ASN B 442 45.19 -2.88 -12.77
C ASN B 442 45.53 -2.43 -11.36
N ASN B 443 45.74 -1.13 -11.18
CA ASN B 443 45.91 -0.59 -9.83
C ASN B 443 44.63 -0.71 -9.00
N ALA B 444 44.73 -1.39 -7.87
CA ALA B 444 43.59 -1.57 -6.97
C ALA B 444 43.93 -1.13 -5.56
N PHE B 445 42.97 -0.51 -4.88
CA PHE B 445 43.17 -0.05 -3.52
C PHE B 445 42.02 -0.52 -2.66
N PHE B 446 42.33 -1.14 -1.52
CA PHE B 446 41.29 -1.67 -0.65
C PHE B 446 41.29 -1.00 0.71
N TYR B 447 40.10 -0.63 1.19
CA TYR B 447 39.97 -0.04 2.53
C TYR B 447 39.08 -0.85 3.47
N TYR B 448 39.21 -0.61 4.77
CA TYR B 448 38.40 -1.25 5.79
C TYR B 448 37.94 -0.17 6.74
N PHE B 449 36.67 0.20 6.65
CA PHE B 449 36.13 1.32 7.42
C PHE B 449 35.70 0.87 8.82
N GLU B 450 36.32 1.42 9.86
CA GLU B 450 36.11 0.94 11.23
C GLU B 450 35.50 1.94 12.21
N HIS B 451 35.26 3.18 11.77
CA HIS B 451 34.70 4.17 12.67
C HIS B 451 33.16 4.13 12.78
N ARG B 452 32.66 4.04 14.02
CA ARG B 452 31.23 4.12 14.24
C ARG B 452 30.82 5.57 14.46
N SER B 453 29.86 6.04 13.67
CA SER B 453 29.39 7.42 13.74
C SER B 453 28.76 7.73 15.09
N SER B 454 29.14 8.85 15.68
CA SER B 454 28.64 9.26 16.99
C SER B 454 27.14 9.58 16.97
N LYS B 455 26.60 9.84 15.78
CA LYS B 455 25.20 10.23 15.62
C LYS B 455 24.31 9.05 15.24
N LEU B 456 24.94 7.92 14.92
CA LEU B 456 24.23 6.72 14.47
C LEU B 456 23.04 6.41 15.37
N PRO B 457 21.83 6.36 14.79
CA PRO B 457 20.57 6.12 15.53
C PRO B 457 20.39 4.69 16.02
N TRP B 458 21.06 3.72 15.39
CA TRP B 458 20.98 2.31 15.79
C TRP B 458 21.85 2.05 17.03
N PRO B 459 21.51 0.99 17.80
CA PRO B 459 22.22 0.66 19.05
C PRO B 459 23.72 0.40 18.89
N GLU B 460 24.42 0.43 20.03
CA GLU B 460 25.87 0.27 20.04
C GLU B 460 26.37 -1.10 19.56
N TRP B 461 25.58 -2.16 19.75
CA TRP B 461 26.06 -3.50 19.43
C TRP B 461 26.14 -3.77 17.92
N MET B 462 25.41 -3.00 17.13
CA MET B 462 25.37 -3.20 15.68
C MET B 462 26.65 -2.68 15.02
N GLY B 463 27.38 -1.87 15.78
CA GLY B 463 28.70 -1.44 15.36
C GLY B 463 28.72 -0.54 14.15
N VAL B 464 29.74 -0.75 13.31
CA VAL B 464 29.91 0.07 12.12
C VAL B 464 29.11 -0.55 10.98
N MET B 465 27.87 -0.10 10.87
CA MET B 465 26.87 -0.75 10.04
C MET B 465 27.01 -0.46 8.55
N HIS B 466 26.47 -1.40 7.77
CA HIS B 466 26.19 -1.23 6.35
C HIS B 466 25.59 0.16 6.10
N GLY B 467 26.21 0.94 5.22
CA GLY B 467 25.68 2.23 4.83
C GLY B 467 26.19 3.44 5.61
N TYR B 468 26.87 3.23 6.71
CA TYR B 468 27.15 4.35 7.58
C TYR B 468 28.58 4.89 7.47
N GLU B 469 29.24 4.60 6.34
CA GLU B 469 30.41 5.35 5.90
C GLU B 469 30.04 6.37 4.84
N ILE B 470 28.80 6.34 4.37
CA ILE B 470 28.37 7.20 3.28
C ILE B 470 28.44 8.67 3.70
N GLU B 471 27.94 8.98 4.89
CA GLU B 471 27.91 10.37 5.33
C GLU B 471 29.31 10.94 5.54
N PHE B 472 30.30 10.06 5.70
CA PHE B 472 31.70 10.47 5.79
C PHE B 472 32.33 10.69 4.41
N VAL B 473 31.88 9.94 3.40
CA VAL B 473 32.40 10.11 2.04
C VAL B 473 31.83 11.39 1.40
N PHE B 474 30.67 11.83 1.87
CA PHE B 474 29.99 12.98 1.29
C PHE B 474 30.25 14.28 2.05
N GLY B 475 31.02 14.22 3.12
CA GLY B 475 31.46 15.40 3.83
C GLY B 475 30.45 15.98 4.79
N LEU B 476 29.44 15.21 5.14
CA LEU B 476 28.46 15.66 6.12
C LEU B 476 29.07 16.09 7.49
N PRO B 477 30.13 15.41 7.96
CA PRO B 477 30.71 15.86 9.25
C PRO B 477 31.51 17.18 9.18
N LEU B 478 31.77 17.68 7.97
CA LEU B 478 32.46 18.96 7.80
C LEU B 478 31.62 20.13 8.30
N GLU B 479 30.33 19.89 8.47
CA GLU B 479 29.41 20.91 8.97
C GLU B 479 29.45 20.95 10.49
N ARG B 480 30.17 21.95 11.01
CA ARG B 480 30.45 22.03 12.45
C ARG B 480 29.21 22.37 13.26
N ARG B 481 28.20 22.90 12.58
CA ARG B 481 26.94 23.26 13.21
C ARG B 481 26.05 22.03 13.45
N ASP B 482 26.48 20.87 12.94
CA ASP B 482 25.58 19.70 12.83
C ASP B 482 25.92 18.50 13.73
N ASN B 483 26.60 18.74 14.85
CA ASN B 483 26.67 17.78 15.97
C ASN B 483 27.62 16.59 15.87
N TYR B 484 28.62 16.65 14.98
CA TYR B 484 29.63 15.59 14.97
C TYR B 484 30.79 15.94 15.90
N THR B 485 31.68 14.99 16.13
CA THR B 485 32.89 15.27 16.86
C THR B 485 33.95 15.83 15.92
N LYS B 486 34.91 16.55 16.49
CA LYS B 486 36.04 17.09 15.77
C LYS B 486 36.77 15.99 15.01
N ALA B 487 37.00 14.86 15.69
CA ALA B 487 37.72 13.72 15.10
C ALA B 487 37.04 13.23 13.82
N GLU B 488 35.71 13.19 13.88
CA GLU B 488 34.89 12.78 12.75
C GLU B 488 35.04 13.76 11.59
N GLU B 489 35.08 15.05 11.89
CA GLU B 489 35.37 16.06 10.87
C GLU B 489 36.74 15.82 10.22
N ILE B 490 37.74 15.52 11.04
CA ILE B 490 39.09 15.25 10.52
C ILE B 490 39.06 14.02 9.65
N LEU B 491 38.42 12.97 10.15
CA LEU B 491 38.32 11.70 9.43
C LEU B 491 37.57 11.85 8.10
N SER B 492 36.43 12.52 8.14
CA SER B 492 35.63 12.76 6.95
C SER B 492 36.41 13.51 5.88
N ARG B 493 37.11 14.56 6.29
CA ARG B 493 37.91 15.36 5.36
C ARG B 493 39.06 14.55 4.73
N SER B 494 39.60 13.58 5.47
CA SER B 494 40.62 12.69 4.92
C SER B 494 40.03 11.84 3.82
N ILE B 495 38.88 11.22 4.11
CA ILE B 495 38.20 10.33 3.19
C ILE B 495 37.70 11.12 1.98
N VAL B 496 37.14 12.30 2.24
CA VAL B 496 36.69 13.19 1.18
C VAL B 496 37.84 13.52 0.23
N LYS B 497 39.00 13.86 0.81
CA LYS B 497 40.19 14.19 0.05
C LYS B 497 40.69 12.98 -0.76
N ARG B 498 40.90 11.86 -0.08
CA ARG B 498 41.40 10.65 -0.72
C ARG B 498 40.53 10.17 -1.90
N TRP B 499 39.21 10.24 -1.74
CA TRP B 499 38.27 9.87 -2.78
C TRP B 499 38.39 10.77 -3.99
N ALA B 500 38.39 12.08 -3.72
CA ALA B 500 38.49 13.08 -4.79
C ALA B 500 39.80 12.96 -5.56
N ASN B 501 40.88 12.66 -4.84
CA ASN B 501 42.19 12.48 -5.47
C ASN B 501 42.25 11.25 -6.37
N PHE B 502 41.65 10.14 -5.93
CA PHE B 502 41.57 8.93 -6.74
C PHE B 502 40.82 9.20 -8.04
N ALA B 503 39.79 10.03 -7.97
CA ALA B 503 39.05 10.43 -9.17
C ALA B 503 39.97 11.20 -10.12
N LYS B 504 40.61 12.23 -9.59
CA LYS B 504 41.46 13.13 -10.38
C LYS B 504 42.71 12.45 -10.95
N TYR B 505 43.41 11.66 -10.15
CA TYR B 505 44.73 11.17 -10.55
C TYR B 505 44.86 9.65 -10.70
N GLY B 506 43.99 8.89 -10.02
CA GLY B 506 44.07 7.44 -10.06
C GLY B 506 44.82 6.86 -8.86
N ASN B 507 45.10 7.72 -7.89
CA ASN B 507 45.81 7.34 -6.68
C ASN B 507 45.13 8.02 -5.50
N PRO B 508 44.69 7.24 -4.51
CA PRO B 508 43.94 7.83 -3.39
C PRO B 508 44.83 8.55 -2.37
N ASN B 509 45.78 9.33 -2.83
CA ASN B 509 46.68 10.03 -1.92
C ASN B 509 46.00 11.19 -1.20
N GLU B 510 46.29 11.34 0.09
CA GLU B 510 45.92 12.55 0.82
C GLU B 510 47.10 13.53 0.67
N THR B 511 47.11 14.62 1.43
CA THR B 511 48.24 15.54 1.41
C THR B 511 49.56 14.83 1.75
N ASN B 514 51.46 15.00 5.66
CA ASN B 514 51.75 14.01 6.69
C ASN B 514 50.60 13.02 6.86
N SER B 515 50.49 12.07 5.94
CA SER B 515 49.45 11.05 6.00
C SER B 515 49.97 9.71 5.52
N THR B 516 49.33 8.63 5.96
CA THR B 516 49.73 7.27 5.58
C THR B 516 49.64 7.04 4.08
N SER B 517 50.72 6.54 3.50
CA SER B 517 50.73 6.22 2.07
C SER B 517 49.88 4.99 1.83
N TRP B 518 48.92 5.10 0.91
CA TRP B 518 48.03 3.99 0.58
C TRP B 518 48.63 3.12 -0.53
N PRO B 519 48.97 1.87 -0.20
CA PRO B 519 49.61 0.96 -1.16
C PRO B 519 48.59 0.23 -2.04
N VAL B 520 49.05 -0.17 -3.23
CA VAL B 520 48.23 -0.94 -4.15
C VAL B 520 47.96 -2.34 -3.60
N PHE B 521 46.69 -2.77 -3.70
CA PHE B 521 46.29 -4.14 -3.38
C PHE B 521 46.80 -5.04 -4.49
N LYS B 522 47.65 -5.99 -4.11
CA LYS B 522 48.22 -6.93 -5.06
C LYS B 522 47.92 -8.35 -4.58
N SER B 523 47.81 -9.27 -5.52
CA SER B 523 47.31 -10.61 -5.24
C SER B 523 48.13 -11.40 -4.21
N THR B 524 49.43 -11.14 -4.12
CA THR B 524 50.28 -11.86 -3.18
C THR B 524 50.24 -11.29 -1.76
N GLU B 525 50.50 -10.00 -1.60
CA GLU B 525 50.65 -9.43 -0.28
C GLU B 525 49.31 -8.98 0.30
N GLN B 526 48.39 -8.63 -0.60
CA GLN B 526 47.00 -8.25 -0.27
C GLN B 526 46.91 -7.15 0.78
N LYS B 527 47.50 -6.01 0.46
CA LYS B 527 47.57 -4.90 1.40
C LYS B 527 46.32 -4.04 1.35
N TYR B 528 45.88 -3.57 2.51
CA TYR B 528 44.72 -2.71 2.59
C TYR B 528 44.90 -1.66 3.68
N LEU B 529 44.09 -0.61 3.63
CA LEU B 529 44.22 0.51 4.55
C LEU B 529 43.00 0.63 5.46
N THR B 530 43.19 0.70 6.77
CA THR B 530 42.06 0.84 7.66
C THR B 530 41.73 2.32 7.89
N LEU B 531 40.45 2.63 8.03
CA LEU B 531 39.99 3.99 8.27
C LEU B 531 39.29 4.11 9.61
N ASN B 532 39.84 4.94 10.49
CA ASN B 532 39.25 5.25 11.79
C ASN B 532 39.87 6.53 12.30
N THR B 533 39.43 7.02 13.46
CA THR B 533 39.90 8.31 13.96
C THR B 533 41.30 8.24 14.60
N GLU B 534 41.62 7.13 15.25
CA GLU B 534 42.87 7.01 16.00
C GLU B 534 44.10 6.93 15.10
N SER B 535 44.29 5.79 14.46
CA SER B 535 45.43 5.61 13.59
C SER B 535 45.11 4.70 12.41
N THR B 536 45.24 5.24 11.21
CA THR B 536 45.01 4.49 9.99
C THR B 536 46.24 3.66 9.62
N ARG B 537 46.12 2.35 9.73
CA ARG B 537 47.25 1.43 9.57
C ARG B 537 47.23 0.78 8.18
N ILE B 538 48.36 0.20 7.77
CA ILE B 538 48.35 -0.63 6.58
C ILE B 538 48.44 -2.07 7.02
N MET B 539 47.60 -2.91 6.43
CA MET B 539 47.48 -4.30 6.84
C MET B 539 47.38 -5.25 5.68
N THR B 540 47.33 -6.53 6.00
CA THR B 540 47.41 -7.54 4.99
C THR B 540 46.37 -8.64 5.22
N LYS B 541 45.87 -9.18 4.11
CA LYS B 541 44.96 -10.33 4.11
C LYS B 541 43.78 -10.19 5.07
N LEU B 542 42.86 -9.27 4.75
CA LEU B 542 41.70 -9.00 5.60
C LEU B 542 40.80 -10.24 5.83
N ARG B 543 40.59 -10.55 7.10
CA ARG B 543 39.75 -11.68 7.55
C ARG B 543 39.96 -12.97 6.73
N ALA B 544 41.20 -13.28 6.38
CA ALA B 544 41.53 -14.40 5.49
C ALA B 544 41.07 -15.78 6.01
N GLN B 545 41.07 -15.95 7.32
CA GLN B 545 40.66 -17.21 7.94
C GLN B 545 39.17 -17.45 7.73
N GLN B 546 38.37 -16.40 7.91
CA GLN B 546 36.92 -16.48 7.69
C GLN B 546 36.57 -16.70 6.21
N CYS B 547 37.08 -15.85 5.33
CA CYS B 547 36.80 -15.93 3.90
C CYS B 547 37.30 -17.23 3.25
N ARG B 548 38.25 -17.91 3.88
CA ARG B 548 38.72 -19.20 3.36
C ARG B 548 37.57 -20.23 3.38
N PHE B 549 36.75 -20.16 4.41
CA PHE B 549 35.61 -21.03 4.53
C PHE B 549 34.66 -20.84 3.34
N TRP B 550 34.29 -19.59 3.08
CA TRP B 550 33.28 -19.27 2.08
C TRP B 550 33.74 -19.52 0.66
N THR B 551 35.02 -19.29 0.40
CA THR B 551 35.55 -19.58 -0.93
C THR B 551 35.89 -21.06 -1.12
N SER B 552 36.33 -21.74 -0.07
CA SER B 552 36.97 -23.05 -0.25
C SER B 552 36.26 -24.22 0.42
N PHE B 553 35.23 -23.97 1.22
CA PHE B 553 34.51 -25.07 1.82
C PHE B 553 33.00 -25.03 1.60
N PHE B 554 32.39 -23.90 1.93
CA PHE B 554 30.94 -23.72 1.74
C PHE B 554 30.39 -24.10 0.36
N PRO B 555 31.14 -23.83 -0.73
CA PRO B 555 30.61 -24.24 -2.04
C PRO B 555 30.44 -25.76 -2.23
N LYS B 556 30.87 -26.55 -1.24
CA LYS B 556 30.89 -28.00 -1.37
C LYS B 556 29.90 -28.67 -0.43
N VAL B 557 29.07 -27.86 0.22
CA VAL B 557 28.05 -28.36 1.12
C VAL B 557 26.70 -28.41 0.41
N LEU B 558 25.72 -28.97 0.91
C1 NAG C . -35.69 29.37 -5.71
C2 NAG C . -37.03 29.23 -6.41
C3 NAG C . -37.40 30.52 -7.14
C4 NAG C . -37.32 31.70 -6.18
C5 NAG C . -35.95 31.74 -5.52
C6 NAG C . -35.83 32.84 -4.48
C7 NAG C . -38.01 27.21 -7.44
C8 NAG C . -37.82 26.12 -8.44
N2 NAG C . -37.02 28.10 -7.33
O3 NAG C . -38.72 30.41 -7.68
O4 NAG C . -37.54 32.92 -6.89
O5 NAG C . -35.72 30.50 -4.84
O6 NAG C . -34.84 32.55 -3.51
O7 NAG C . -39.03 27.30 -6.76
C1 FUL C . -33.69 33.26 -3.95
C2 FUL C . -32.63 33.62 -2.93
O2 FUL C . -32.63 32.60 -1.92
C3 FUL C . -31.28 33.71 -3.57
O3 FUL C . -30.29 34.13 -2.59
C4 FUL C . -31.29 34.66 -4.73
O4 FUL C . -31.42 36.01 -4.25
C5 FUL C . -32.39 34.36 -5.73
C6 FUL C . -32.49 35.45 -6.75
O5 FUL C . -33.71 34.19 -5.11
C1 NAG D . -8.66 14.83 -14.32
C2 NAG D . -8.28 15.56 -15.60
C3 NAG D . -8.33 14.61 -16.78
C4 NAG D . -7.43 13.41 -16.51
C5 NAG D . -7.83 12.75 -15.20
C6 NAG D . -6.90 11.62 -14.79
C7 NAG D . -8.77 17.97 -15.51
C8 NAG D . -7.42 18.13 -14.86
N2 NAG D . -9.13 16.72 -15.83
O3 NAG D . -7.91 15.29 -17.95
O4 NAG D . -7.55 12.47 -17.57
O5 NAG D . -7.79 13.71 -14.12
O6 NAG D . -7.56 10.67 -13.96
O7 NAG D . -9.51 18.93 -15.72
C1 NAG D . -7.70 11.98 -18.95
C2 NAG D . -6.90 12.49 -20.14
C3 NAG D . -6.48 11.33 -21.04
C4 NAG D . -5.75 10.27 -20.24
C5 NAG D . -6.61 9.85 -19.04
C6 NAG D . -5.92 8.87 -18.13
C7 NAG D . -7.36 14.79 -20.86
C8 NAG D . -8.25 15.68 -21.68
N2 NAG D . -7.66 13.50 -20.88
O3 NAG D . -5.65 11.81 -22.09
O4 NAG D . -5.49 9.14 -21.06
O5 NAG D . -6.93 10.99 -18.25
O6 NAG D . -6.86 8.15 -17.34
O7 NAG D . -6.42 15.24 -20.21
C1 NAG E . -44.26 -19.61 -0.50
C2 NAG E . -43.92 -21.10 -0.42
C3 NAG E . -45.11 -21.89 0.13
C4 NAG E . -45.57 -21.29 1.45
C5 NAG E . -45.87 -19.81 1.26
C6 NAG E . -46.26 -19.12 2.54
C7 NAG E . -42.29 -21.53 -2.21
C8 NAG E . -42.08 -22.11 -3.58
N2 NAG E . -43.54 -21.61 -1.74
O3 NAG E . -44.72 -23.25 0.32
O4 NAG E . -46.75 -21.95 1.91
O5 NAG E . -44.69 -19.15 0.78
O6 NAG E . -47.62 -18.72 2.53
O7 NAG E . -41.38 -21.02 -1.57
C1 FUC E . -48.13 -17.94 3.65
C2 FUC E . -47.73 -17.49 5.04
C3 FUC E . -47.31 -16.07 5.08
C4 FUC E . -48.30 -15.14 4.44
C5 FUC E . -48.77 -15.63 3.07
C6 FUC E . -49.92 -14.79 2.62
O2 FUC E . -46.63 -18.30 5.52
O3 FUC E . -47.11 -15.67 6.46
O4 FUC E . -49.44 -14.98 5.30
O5 FUC E . -49.16 -17.05 3.06
C1 NAG F . -33.82 -7.25 32.44
C2 NAG F . -34.06 -8.62 33.07
C3 NAG F . -35.04 -9.43 32.22
C4 NAG F . -36.14 -8.50 31.72
C5 NAG F . -35.55 -7.47 30.75
C6 NAG F . -36.18 -6.11 30.88
C7 NAG F . -31.96 -9.06 34.26
C8 NAG F . -30.72 -9.90 34.32
N2 NAG F . -32.82 -9.34 33.26
O3 NAG F . -35.58 -10.49 32.98
O4 NAG F . -37.18 -9.25 31.08
O5 NAG F . -34.15 -7.31 31.03
O6 NAG F . -37.54 -6.21 31.32
O7 NAG F . -32.18 -8.17 35.06
C1 NAG F . -37.38 -10.34 30.22
C2 NAG F . -38.87 -10.50 30.46
C3 NAG F . -39.38 -11.71 29.65
C4 NAG F . -38.97 -11.61 28.19
C5 NAG F . -37.47 -11.25 28.04
C6 NAG F . -37.12 -10.86 26.62
C7 NAG F . -40.33 -10.28 32.42
C8 NAG F . -40.47 -10.51 33.89
N2 NAG F . -39.17 -10.66 31.86
O3 NAG F . -40.80 -11.76 29.74
O4 NAG F . -39.21 -12.85 27.54
O5 NAG F . -37.12 -10.13 28.86
O6 NAG F . -38.08 -11.33 25.68
O7 NAG F . -41.23 -9.78 31.74
C1 FUC F . -37.73 -4.83 30.90
C2 FUC F . -39.15 -4.98 30.36
C3 FUC F . -40.11 -5.40 31.40
C4 FUC F . -40.04 -4.51 32.60
C5 FUC F . -38.64 -4.46 33.17
C6 FUC F . -38.60 -3.51 34.33
O2 FUC F . -39.17 -5.96 29.30
O3 FUC F . -41.47 -5.38 30.85
O4 FUC F . -40.44 -3.17 32.20
O5 FUC F . -37.65 -4.04 32.17
C1 NAG G . 0.18 7.79 0.02
C2 NAG G . 0.80 9.16 -0.22
C3 NAG G . 0.65 9.57 -1.68
C4 NAG G . 1.26 8.49 -2.58
C5 NAG G . 0.67 7.12 -2.24
C6 NAG G . 1.36 5.99 -2.97
C7 NAG G . 0.63 10.42 1.89
C8 NAG G . -0.13 11.47 2.65
N2 NAG G . 0.18 10.16 0.65
O3 NAG G . 1.28 10.81 -1.90
O4 NAG G . 1.00 8.77 -3.96
O5 NAG G . 0.81 6.84 -0.84
O6 NAG G . 0.43 5.17 -3.68
O7 NAG G . 1.59 9.84 2.37
C1 NAG G . 1.67 9.53 -5.02
C2 NAG G . 1.61 9.38 -6.55
C3 NAG G . 2.26 10.61 -7.21
C4 NAG G . 1.59 11.89 -6.72
C5 NAG G . 1.67 11.96 -5.19
C6 NAG G . 0.92 13.16 -4.64
C7 NAG G . 1.62 6.97 -7.04
C8 NAG G . 2.44 5.81 -7.56
N2 NAG G . 2.25 8.16 -7.00
O3 NAG G . 2.16 10.51 -8.62
O4 NAG G . 2.24 13.02 -7.27
O5 NAG G . 1.06 10.79 -4.61
O6 NAG G . 1.26 13.40 -3.27
O7 NAG G . 0.46 6.83 -6.68
C1 NAG H . 4.77 9.81 15.67
C2 NAG H . 5.01 10.73 16.87
C3 NAG H . 4.23 10.26 18.10
C4 NAG H . 2.77 9.94 17.75
C5 NAG H . 2.71 9.03 16.54
C6 NAG H . 1.30 8.71 16.09
C7 NAG H . 7.34 11.43 16.43
C8 NAG H . 8.76 11.34 16.91
N2 NAG H . 6.44 10.78 17.18
O3 NAG H . 4.28 11.27 19.10
O4 NAG H . 2.15 9.30 18.86
O5 NAG H . 3.37 9.67 15.45
O6 NAG H . 0.99 7.34 16.28
O7 NAG H . 7.03 12.06 15.43
C1 NAG H . 1.76 9.25 20.24
C2 NAG H . 1.48 8.27 21.37
C3 NAG H . 0.53 8.88 22.39
C4 NAG H . 1.07 10.23 22.87
C5 NAG H . 1.39 11.13 21.68
C6 NAG H . 2.05 12.43 22.08
C7 NAG H . 1.57 5.85 20.93
C8 NAG H . 2.92 5.87 21.59
N2 NAG H . 0.93 7.02 20.86
O3 NAG H . 0.36 8.00 23.50
O4 NAG H . 0.12 10.88 23.71
O5 NAG H . 2.29 10.47 20.79
O6 NAG H . 1.36 13.56 21.56
O7 NAG H . 1.09 4.81 20.48
C1 NAG I . 41.36 19.03 -20.13
C2 NAG I . 41.64 17.54 -20.29
C3 NAG I . 41.99 17.21 -21.74
C4 NAG I . 40.96 17.78 -22.70
C5 NAG I . 40.71 19.26 -22.41
C6 NAG I . 39.60 19.86 -23.24
C7 NAG I . 42.58 17.04 -18.07
C8 NAG I . 43.80 16.57 -17.33
N2 NAG I . 42.70 17.11 -19.40
O3 NAG I . 42.08 15.81 -21.89
O4 NAG I . 41.43 17.64 -24.04
O5 NAG I . 40.34 19.43 -21.04
O6 NAG I . 39.13 21.06 -22.67
O7 NAG I . 41.54 17.34 -17.49
C1 NAG I . 42.01 16.71 -25.04
C2 NAG I . 42.42 16.86 -26.51
C3 NAG I . 42.80 15.49 -27.10
C4 NAG I . 43.85 14.82 -26.24
C5 NAG I . 43.36 14.73 -24.80
C6 NAG I . 44.35 14.13 -23.84
C7 NAG I . 41.12 18.78 -27.32
C8 NAG I . 39.98 19.25 -28.17
N2 NAG I . 41.35 17.47 -27.29
O3 NAG I . 43.30 15.66 -28.43
O4 NAG I . 44.12 13.51 -26.71
O5 NAG I . 43.06 16.06 -24.31
O6 NAG I . 43.79 13.04 -23.12
O7 NAG I . 41.81 19.58 -26.67
C1 NAG J . 9.14 -20.92 -8.64
C2 NAG J . 9.93 -21.62 -7.53
C3 NAG J . 9.28 -22.95 -7.17
C4 NAG J . 7.78 -22.79 -6.94
C5 NAG J . 7.13 -22.02 -8.08
C6 NAG J . 5.67 -21.71 -7.84
C7 NAG J . 12.33 -21.82 -7.07
C8 NAG J . 13.70 -22.04 -7.67
N2 NAG J . 11.31 -21.82 -7.94
O3 NAG J . 9.89 -23.47 -5.99
O4 NAG J . 7.17 -24.08 -6.85
O5 NAG J . 7.80 -20.77 -8.26
O6 NAG J . 5.45 -21.08 -6.59
O7 NAG J . 12.17 -21.65 -5.86
C1 FUL J . 4.38 -20.48 -5.75
C2 FUL J . 3.83 -19.23 -6.43
O2 FUL J . 3.06 -19.65 -7.58
C3 FUL J . 2.96 -18.41 -5.58
O3 FUL J . 2.76 -17.13 -6.24
C4 FUL J . 3.53 -18.15 -4.23
O4 FUL J . 4.59 -17.20 -4.36
C5 FUL J . 4.06 -19.41 -3.55
C6 FUL J . 4.79 -19.03 -2.29
O5 FUL J . 4.95 -20.19 -4.40
C1 NAG K . -19.87 31.53 -1.19
C2 NAG K . -20.21 32.96 -0.75
C3 NAG K . -19.18 33.95 -1.32
C4 NAG K . -17.76 33.49 -1.06
C5 NAG K . -17.58 32.06 -1.55
C6 NAG K . -16.21 31.49 -1.28
C7 NAG K . -22.58 33.43 -0.32
C8 NAG K . -22.29 33.18 1.13
N2 NAG K . -21.56 33.32 -1.17
O3 NAG K . -19.39 35.22 -0.72
O4 NAG K . -16.83 34.34 -1.73
O5 NAG K . -18.52 31.22 -0.86
O6 NAG K . -15.90 31.50 0.11
O7 NAG K . -23.71 33.72 -0.72
N1 3F9 L . -29.94 -1.13 11.95
C4 3F9 L . -38.22 -0.22 11.28
C5 3F9 L . -31.05 -6.28 8.44
C6 3F9 L . -28.44 -5.33 8.80
C7 3F9 L . -31.91 -4.22 9.35
C8 3F9 L . -31.68 -2.96 9.88
C10 3F9 L . -36.85 -0.09 11.43
C13 3F9 L . -29.53 -4.54 9.16
C15 3F9 L . -36.83 -1.82 13.00
C17 3F9 L . -30.19 -1.20 10.62
C20 3F9 L . -32.15 -4.17 15.16
C21 3F9 L . -30.91 -3.86 14.35
C22 3F9 L . -33.39 -3.96 14.27
C24 3F9 L . -30.98 -2.46 13.78
C26 3F9 L . -29.80 -2.30 12.83
C28 3F9 L . -28.26 0.55 12.58
C1 3F9 L . -29.96 -7.07 8.08
C2 3F9 L . -28.67 -6.59 8.26
C3 3F9 L . -38.88 -1.18 12.02
C9 3F9 L . -38.14 -1.98 12.88
C11 3F9 L . -29.30 -3.28 9.70
C12 3F9 L . -30.83 -5.02 8.99
C14 3F9 L . -30.38 -2.49 10.08
C16 3F9 L . -36.18 -0.88 12.27
C18 3F9 L . -35.90 -2.49 13.80
C19 3F9 L . -34.82 -0.93 12.58
C23 3F9 L . -32.26 -2.29 13.01
C25 3F9 L . -34.65 -2.36 13.00
C27 3F9 L . -29.75 0.18 12.61
N2 3F9 L . -33.46 -2.57 13.82
O1 3F9 L . -30.28 -0.19 9.92
O2 3F9 L . -27.89 0.84 11.24
C33 3F9 L . -26.47 0.94 11.17
C1 GOL M . -19.42 -16.85 3.06
O1 GOL M . -20.15 -17.33 1.94
C2 GOL M . -19.71 -17.73 4.29
O2 GOL M . -19.57 -19.12 3.98
C3 GOL M . -18.78 -17.37 5.44
O3 GOL M . -19.55 -17.16 6.60
C1 EDO N . -23.97 10.31 18.77
O1 EDO N . -24.08 8.95 18.31
C2 EDO N . -24.34 11.28 17.64
O2 EDO N . -25.71 11.07 17.25
C1 EDO O . -25.12 20.69 5.80
O1 EDO O . -24.13 19.71 5.47
C2 EDO O . -25.98 20.24 6.98
O2 EDO O . -25.24 20.40 8.20
C1 NAG P . 24.85 32.77 -6.84
C2 NAG P . 26.18 33.46 -6.51
C3 NAG P . 26.77 34.10 -7.78
C4 NAG P . 25.71 34.20 -8.86
C5 NAG P . 24.38 34.69 -8.28
C6 NAG P . 23.30 34.86 -9.31
C7 NAG P . 26.94 34.76 -4.56
C8 NAG P . 28.25 34.03 -4.68
N2 NAG P . 26.01 34.45 -5.46
O3 NAG P . 27.86 33.30 -8.24
O4 NAG P . 26.13 35.12 -9.88
O5 NAG P . 23.89 33.74 -7.30
O6 NAG P . 22.00 34.77 -8.73
O7 NAG P . 26.75 35.60 -3.69
C1 NAG Q . 11.69 29.05 -14.01
C2 NAG Q . 10.23 29.09 -14.46
C3 NAG Q . 9.66 30.52 -14.30
C4 NAG Q . 9.93 31.05 -12.91
C5 NAG Q . 11.41 30.94 -12.59
C6 NAG Q . 11.76 31.43 -11.19
C7 NAG Q . 9.03 27.98 -16.31
C8 NAG Q . 9.08 27.60 -17.75
N2 NAG Q . 10.10 28.65 -15.83
O3 NAG Q . 8.27 30.49 -14.56
O4 NAG Q . 9.55 32.43 -12.83
O5 NAG Q . 11.81 29.57 -12.67
O6 NAG Q . 12.90 32.26 -11.21
O7 NAG Q . 8.07 27.70 -15.58
C1 NAG R . 6.16 -23.77 -3.96
C2 NAG R . 5.13 -24.79 -4.42
C3 NAG R . 4.62 -25.59 -3.22
C4 NAG R . 5.80 -26.18 -2.45
C5 NAG R . 6.85 -25.12 -2.13
C6 NAG R . 8.12 -25.69 -1.53
C7 NAG R . 3.63 -24.49 -6.35
C8 NAG R . 2.48 -23.73 -6.91
N2 NAG R . 4.02 -24.15 -5.11
O3 NAG R . 3.76 -26.63 -3.67
O4 NAG R . 5.33 -26.75 -1.23
O5 NAG R . 7.23 -24.42 -3.33
O6 NAG R . 8.90 -24.68 -0.91
O7 NAG R . 4.20 -25.37 -6.98
C1 NAG S . 0.14 -14.09 -28.24
C2 NAG S . 0.50 -13.79 -29.68
C3 NAG S . -0.37 -12.66 -30.23
C4 NAG S . -1.84 -13.02 -30.06
C5 NAG S . -2.14 -13.37 -28.59
C6 NAG S . -3.55 -13.85 -28.38
C7 NAG S . 2.82 -14.28 -30.37
C8 NAG S . 2.30 -15.58 -30.90
N2 NAG S . 1.92 -13.45 -29.81
O3 NAG S . -0.08 -12.44 -31.60
O4 NAG S . -2.67 -11.95 -30.47
O5 NAG S . -1.27 -14.42 -28.16
O6 NAG S . -4.47 -13.12 -29.17
O7 NAG S . 4.01 -13.97 -30.45
C1 NAG T . 14.60 -8.32 22.58
C2 NAG T . 14.75 -9.48 23.57
C3 NAG T . 14.22 -10.78 22.94
C4 NAG T . 12.81 -10.58 22.42
C5 NAG T . 12.76 -9.39 21.48
C6 NAG T . 11.36 -9.06 21.00
C7 NAG T . 16.53 -9.81 25.23
C8 NAG T . 18.02 -9.93 25.46
N2 NAG T . 16.14 -9.64 23.97
O3 NAG T . 14.26 -11.83 23.90
O4 NAG T . 12.34 -11.74 21.75
O5 NAG T . 13.24 -8.22 22.16
O6 NAG T . 10.98 -7.73 21.31
O7 NAG T . 15.73 -9.89 26.16
C1 NAG U . 49.62 12.56 -5.33
C2 NAG U . 49.93 14.05 -5.39
C3 NAG U . 49.88 14.54 -6.84
C4 NAG U . 50.44 13.49 -7.79
C5 NAG U . 49.61 12.21 -7.72
C6 NAG U . 50.44 10.94 -7.77
C7 NAG U . 49.18 14.97 -3.24
C8 NAG U . 48.14 15.80 -2.54
N2 NAG U . 49.02 14.82 -4.56
O3 NAG U . 50.61 15.75 -6.95
O4 NAG U . 50.49 13.96 -9.12
O5 NAG U . 48.86 12.16 -6.49
O6 NAG U . 50.02 10.10 -8.84
O7 NAG U . 50.12 14.47 -2.64
N1 3F9 V . 19.25 -1.21 3.41
C4 3F9 V . 11.14 -2.05 2.06
C5 3F9 V . 19.52 -6.61 -0.01
C6 3F9 V . 21.84 -5.09 0.30
C7 3F9 V . 18.21 -4.79 0.86
C8 3F9 V . 18.14 -3.49 1.37
C10 3F9 V . 12.45 -1.66 2.26
C13 3F9 V . 20.61 -4.55 0.67
C15 3F9 V . 12.64 -3.09 4.10
C17 3F9 V . 19.13 -1.40 2.07
C20 3F9 V . 17.50 -4.69 6.38
C21 3F9 V . 18.67 -4.07 5.70
C22 3F9 V . 16.31 -4.64 5.46
C24 3F9 V . 18.40 -2.68 5.23
C26 3F9 V . 19.58 -2.29 4.34
C28 3F9 V . 19.88 1.27 3.45
C1 3F9 V . 20.75 -7.15 -0.37
C2 3F9 V . 21.90 -6.39 -0.21
C3 3F9 V . 10.59 -2.99 2.93
C9 3F9 V . 11.38 -3.50 3.95
C11 3F9 V . 20.53 -3.25 1.19
C12 3F9 V . 19.45 -5.32 0.50
C14 3F9 V . 19.29 -2.70 1.56
C16 3F9 V . 13.18 -2.17 3.27
C18 3F9 V . 13.59 -3.46 5.04
C19 3F9 V . 14.50 -1.92 3.66
C23 3F9 V . 17.14 -2.69 4.40
C25 3F9 V . 14.83 -3.25 4.26
C27 3F9 V . 19.02 0.13 4.03
N2 3F9 V . 16.00 -3.24 5.14
O1 3F9 V . 18.84 -0.49 1.29
O2 3F9 V . 21.16 0.78 3.00
C33 3F9 V . 22.21 1.54 3.57
C1 GOL W . 19.24 21.02 -0.36
O1 GOL W . 18.27 21.64 -1.18
C2 GOL W . 20.61 21.25 -0.98
O2 GOL W . 21.59 21.23 0.04
C3 GOL W . 20.91 20.15 -1.98
O3 GOL W . 22.19 20.34 -2.58
C1 GOL X . 34.59 -16.80 15.63
O1 GOL X . 34.98 -16.22 16.86
C2 GOL X . 35.81 -17.37 14.91
O2 GOL X . 35.88 -18.79 15.08
C3 GOL X . 35.78 -17.01 13.43
O3 GOL X . 35.67 -15.61 13.25
C1 GOL Y . 7.51 -2.16 5.93
O1 GOL Y . 6.57 -1.28 5.35
C2 GOL Y . 6.79 -3.37 6.54
O2 GOL Y . 7.45 -4.57 6.17
C3 GOL Y . 6.72 -3.27 8.07
O3 GOL Y . 5.40 -3.07 8.51
C1 GOL Z . 22.64 12.06 10.50
O1 GOL Z . 22.48 13.20 9.67
C2 GOL Z . 21.91 10.89 9.86
O2 GOL Z . 21.31 11.37 8.66
C3 GOL Z . 22.86 9.72 9.56
O3 GOL Z . 23.30 9.04 10.73
C1 EDO AA . -0.70 3.29 -16.86
O1 EDO AA . -0.70 4.65 -16.36
C2 EDO AA . -1.43 2.34 -15.91
O2 EDO AA . -0.93 2.44 -14.56
#